data_2QSD
#
_entry.id   2QSD
#
_cell.length_a   185.401
_cell.length_b   185.401
_cell.length_c   185.401
_cell.angle_alpha   90.00
_cell.angle_beta   90.00
_cell.angle_gamma   90.00
#
_symmetry.space_group_name_H-M   'P 2 3'
#
loop_
_entity.id
_entity.type
_entity.pdbx_description
1 polymer 'Uncharacterized conserved protein'
2 non-polymer GLYCEROL
3 water water
#
_entity_poly.entity_id   1
_entity_poly.type   'polypeptide(L)'
_entity_poly.pdbx_seq_one_letter_code
;(MSE)SLNEIDNKLFLVYVGGTAPGANIELHDIRFVVGPS(MSE)EETYPAIRKGWFGTQKGLHLDSFVHLHHVDGYRIH
LTSEAHEKPEEKRLYFVNFGGYFPNKLAEYHDFTVVVADSPQSAKQLARAQFSKAGLADAEQIHKDDLLAVDDCLCVDLV
DNHYVTLEFDGEQQPLVPDWKGYQPLPEGHHHHHH
;
_entity_poly.pdbx_strand_id   A,B,C,D,E,F,G,H
#
# COMPACT_ATOMS: atom_id res chain seq x y z
N ASP A 7 -54.58 15.27 16.59
CA ASP A 7 -53.68 14.82 17.69
C ASP A 7 -52.35 15.57 17.68
N ASN A 8 -52.27 16.59 18.53
CA ASN A 8 -51.10 17.44 18.63
C ASN A 8 -49.94 16.76 19.36
N LYS A 9 -48.73 17.05 18.89
CA LYS A 9 -47.53 16.53 19.51
C LYS A 9 -46.67 17.69 20.01
N LEU A 10 -46.01 17.50 21.15
CA LEU A 10 -45.00 18.44 21.63
C LEU A 10 -43.64 18.00 21.10
N PHE A 11 -43.01 18.89 20.34
CA PHE A 11 -41.69 18.66 19.81
C PHE A 11 -40.67 19.59 20.46
N LEU A 12 -39.51 19.03 20.78
CA LEU A 12 -38.36 19.82 21.15
C LEU A 12 -37.40 19.79 19.96
N VAL A 13 -37.15 20.96 19.37
CA VAL A 13 -36.36 21.06 18.15
C VAL A 13 -35.07 21.85 18.36
N TYR A 14 -33.99 21.37 17.75
CA TYR A 14 -32.70 22.03 17.82
C TYR A 14 -32.46 22.64 16.46
N VAL A 15 -32.43 23.96 16.41
CA VAL A 15 -32.35 24.66 15.14
C VAL A 15 -31.07 25.48 15.07
N GLY A 16 -30.65 25.79 13.85
CA GLY A 16 -29.40 26.50 13.62
C GLY A 16 -29.51 27.54 12.53
N GLY A 17 -28.62 28.53 12.58
CA GLY A 17 -28.62 29.60 11.62
C GLY A 17 -27.73 30.74 12.05
N THR A 18 -27.92 31.89 11.42
CA THR A 18 -27.07 33.04 11.67
C THR A 18 -27.84 34.16 12.38
N ALA A 19 -27.08 35.10 12.96
CA ALA A 19 -27.63 36.35 13.50
C ALA A 19 -26.65 37.48 13.21
N PRO A 20 -27.14 38.74 13.07
CA PRO A 20 -26.25 39.86 12.77
C PRO A 20 -25.20 40.09 13.85
N GLY A 21 -23.95 40.27 13.42
CA GLY A 21 -22.85 40.48 14.34
C GLY A 21 -22.08 39.24 14.74
N ALA A 22 -22.74 38.09 14.71
CA ALA A 22 -22.08 36.82 15.03
C ALA A 22 -21.23 36.32 13.87
N ASN A 23 -20.05 35.78 14.19
CA ASN A 23 -19.15 35.19 13.21
C ASN A 23 -19.50 33.75 12.82
N ILE A 24 -20.01 32.98 13.78
CA ILE A 24 -20.33 31.58 13.51
C ILE A 24 -21.84 31.33 13.58
N GLU A 25 -22.25 30.17 13.09
CA GLU A 25 -23.63 29.69 13.18
C GLU A 25 -23.99 29.50 14.65
N LEU A 26 -25.19 29.93 15.03
CA LEU A 26 -25.66 29.78 16.39
C LEU A 26 -26.78 28.77 16.43
N HIS A 27 -27.06 28.23 17.62
CA HIS A 27 -28.10 27.22 17.79
C HIS A 27 -29.00 27.53 18.98
N ASP A 28 -30.28 27.23 18.85
CA ASP A 28 -31.23 27.37 19.95
C ASP A 28 -32.16 26.14 20.01
N ILE A 29 -32.75 25.92 21.18
CA ILE A 29 -33.76 24.89 21.39
C ILE A 29 -35.14 25.56 21.44
N ARG A 30 -36.05 25.11 20.58
CA ARG A 30 -37.43 25.59 20.61
C ARG A 30 -38.41 24.47 21.00
N PHE A 31 -39.48 24.85 21.68
CA PHE A 31 -40.60 23.96 21.93
C PHE A 31 -41.74 24.37 21.02
N VAL A 32 -42.29 23.40 20.29
CA VAL A 32 -43.35 23.67 19.32
C VAL A 32 -44.43 22.58 19.36
N VAL A 33 -45.65 22.94 18.98
CA VAL A 33 -46.79 22.02 19.01
C VAL A 33 -47.48 21.93 17.65
N GLY A 34 -47.64 20.71 17.15
CA GLY A 34 -48.36 20.44 15.91
C GLY A 34 -48.68 18.97 15.70
N PRO A 35 -49.58 18.66 14.74
CA PRO A 35 -49.90 17.27 14.36
C PRO A 35 -48.73 16.56 13.68
N SER A 36 -47.92 17.34 12.96
CA SER A 36 -46.73 16.82 12.31
C SER A 36 -45.58 17.81 12.48
N GLU A 38 -43.64 19.12 9.99
CA GLU A 38 -43.78 20.16 8.95
C GLU A 38 -44.81 21.24 9.30
N GLU A 39 -45.78 20.89 10.14
CA GLU A 39 -46.79 21.86 10.56
C GLU A 39 -46.33 22.76 11.70
N THR A 40 -45.10 22.56 12.18
CA THR A 40 -44.52 23.41 13.22
C THR A 40 -43.57 24.46 12.64
N TYR A 41 -43.32 24.37 11.33
CA TYR A 41 -42.37 25.26 10.65
C TYR A 41 -42.63 26.77 10.84
N PRO A 42 -43.90 27.24 10.70
CA PRO A 42 -44.17 28.65 11.03
C PRO A 42 -43.77 29.05 12.45
N ALA A 43 -44.02 28.16 13.41
CA ALA A 43 -43.72 28.44 14.80
C ALA A 43 -42.22 28.38 15.09
N ILE A 44 -41.50 27.57 14.31
CA ILE A 44 -40.05 27.51 14.42
C ILE A 44 -39.45 28.80 13.87
N ARG A 45 -39.89 29.18 12.67
CA ARG A 45 -39.46 30.43 12.04
C ARG A 45 -39.70 31.67 12.89
N LYS A 46 -40.88 31.75 13.52
CA LYS A 46 -41.21 32.90 14.36
C LYS A 46 -40.58 32.86 15.75
N GLY A 47 -40.12 31.68 16.18
CA GLY A 47 -39.44 31.54 17.46
C GLY A 47 -37.93 31.73 17.35
N TRP A 48 -37.39 31.57 16.14
CA TRP A 48 -35.96 31.78 15.89
C TRP A 48 -35.57 33.24 16.08
N PHE A 49 -34.59 33.48 16.94
CA PHE A 49 -34.23 34.83 17.37
C PHE A 49 -33.42 35.59 16.33
N GLY A 50 -32.78 34.84 15.44
CA GLY A 50 -31.79 35.39 14.51
C GLY A 50 -32.33 35.66 13.12
N THR A 51 -31.43 35.60 12.14
CA THR A 51 -31.73 35.84 10.74
C THR A 51 -32.47 34.66 10.14
N GLN A 52 -33.54 34.94 9.39
CA GLN A 52 -34.39 33.93 8.77
C GLN A 52 -33.71 33.14 7.66
N LYS A 53 -32.95 33.83 6.82
CA LYS A 53 -32.29 33.20 5.68
C LYS A 53 -31.24 32.17 6.10
N GLY A 54 -31.45 30.92 5.69
CA GLY A 54 -30.50 29.84 5.93
C GLY A 54 -30.80 29.02 7.16
N LEU A 55 -31.96 29.27 7.77
CA LEU A 55 -32.41 28.56 8.96
C LEU A 55 -32.56 27.07 8.66
N HIS A 56 -32.02 26.25 9.56
CA HIS A 56 -32.08 24.80 9.37
C HIS A 56 -32.35 24.08 10.67
N LEU A 57 -33.07 22.97 10.54
CA LEU A 57 -33.35 22.06 11.63
C LEU A 57 -32.21 21.05 11.75
N ASP A 58 -31.71 20.83 12.97
CA ASP A 58 -30.57 19.93 13.19
C ASP A 58 -30.90 18.63 13.94
N SER A 59 -31.74 18.72 14.96
CA SER A 59 -32.32 17.55 15.59
C SER A 59 -33.66 17.90 16.23
N PHE A 60 -34.45 16.87 16.50
CA PHE A 60 -35.69 17.02 17.23
C PHE A 60 -36.10 15.73 17.94
N VAL A 61 -36.98 15.87 18.92
CA VAL A 61 -37.61 14.75 19.58
C VAL A 61 -39.07 15.07 19.87
N HIS A 62 -39.95 14.11 19.60
CA HIS A 62 -41.34 14.15 20.05
C HIS A 62 -41.30 13.79 21.52
N LEU A 63 -41.68 14.76 22.35
CA LEU A 63 -41.65 14.60 23.81
C LEU A 63 -43.03 14.20 24.32
N HIS A 64 -43.17 12.97 24.83
CA HIS A 64 -44.47 12.50 25.33
C HIS A 64 -44.46 12.10 26.81
N HIS A 65 -43.28 11.79 27.35
CA HIS A 65 -43.14 11.42 28.75
C HIS A 65 -41.89 12.01 29.34
N VAL A 66 -42.01 12.55 30.57
CA VAL A 66 -40.88 13.04 31.35
C VAL A 66 -41.04 12.62 32.82
N ASP A 67 -40.05 11.90 33.36
CA ASP A 67 -39.99 11.47 34.77
C ASP A 67 -41.25 10.75 35.28
N GLY A 68 -41.82 9.90 34.44
CA GLY A 68 -43.01 9.15 34.80
C GLY A 68 -44.33 9.83 34.48
N TYR A 69 -44.26 11.06 33.97
CA TYR A 69 -45.45 11.83 33.63
C TYR A 69 -45.70 11.86 32.13
N ARG A 70 -46.96 11.67 31.75
CA ARG A 70 -47.43 11.78 30.38
C ARG A 70 -47.84 13.22 30.08
N ILE A 71 -47.46 13.72 28.90
CA ILE A 71 -47.73 15.09 28.50
C ILE A 71 -49.02 15.16 27.72
N HIS A 72 -49.94 16.00 28.18
CA HIS A 72 -51.20 16.24 27.47
C HIS A 72 -51.23 17.66 26.95
N LEU A 73 -51.83 17.84 25.78
CA LEU A 73 -51.95 19.16 25.17
C LEU A 73 -53.41 19.52 24.95
N THR A 74 -53.83 20.66 25.50
CA THR A 74 -55.23 21.11 25.43
C THR A 74 -55.33 22.58 25.04
N SER A 75 -56.45 22.95 24.42
CA SER A 75 -56.74 24.33 24.07
C SER A 75 -57.11 25.18 25.28
N GLU A 76 -57.76 24.55 26.27
CA GLU A 76 -58.24 25.27 27.45
C GLU A 76 -57.61 24.77 28.74
N ALA A 77 -57.41 25.69 29.69
CA ALA A 77 -56.85 25.37 31.00
C ALA A 77 -57.91 25.38 32.08
N PRO A 81 -56.02 24.09 37.96
CA PRO A 81 -54.74 24.45 38.59
C PRO A 81 -53.80 23.25 38.70
N GLU A 82 -52.58 23.42 38.19
CA GLU A 82 -51.58 22.35 38.17
C GLU A 82 -50.54 22.54 39.27
N GLU A 83 -50.31 21.49 40.05
CA GLU A 83 -49.29 21.55 41.11
C GLU A 83 -47.87 21.29 40.61
N LYS A 84 -47.74 20.42 39.61
CA LYS A 84 -46.43 20.12 39.01
C LYS A 84 -46.39 20.50 37.53
N ARG A 85 -45.21 20.93 37.10
CA ARG A 85 -45.05 21.47 35.75
C ARG A 85 -43.78 21.00 35.07
N LEU A 86 -43.79 21.13 33.74
CA LEU A 86 -42.65 20.80 32.91
C LEU A 86 -41.62 21.94 32.94
N TYR A 87 -40.39 21.60 33.29
CA TYR A 87 -39.32 22.58 33.31
C TYR A 87 -38.16 22.15 32.43
N PHE A 88 -37.70 23.10 31.62
CA PHE A 88 -36.54 22.95 30.76
C PHE A 88 -35.36 23.65 31.42
N VAL A 89 -34.28 22.91 31.64
CA VAL A 89 -33.12 23.45 32.37
C VAL A 89 -31.86 23.47 31.49
N ASN A 90 -31.36 24.69 31.25
CA ASN A 90 -30.15 24.91 30.47
C ASN A 90 -28.92 25.01 31.37
N PHE A 91 -27.95 24.11 31.17
CA PHE A 91 -26.70 24.11 31.94
C PHE A 91 -25.68 25.12 31.40
N GLY A 92 -24.95 25.75 32.31
CA GLY A 92 -23.92 26.72 31.94
C GLY A 92 -22.56 26.09 31.73
N GLU A 101 -27.15 13.88 20.34
CA GLU A 101 -27.10 13.69 21.79
C GLU A 101 -27.42 15.00 22.52
N TYR A 102 -28.25 14.90 23.55
CA TYR A 102 -28.62 16.05 24.37
C TYR A 102 -27.96 15.94 25.75
N HIS A 103 -26.83 16.62 25.91
CA HIS A 103 -26.03 16.54 27.14
C HIS A 103 -26.00 17.86 27.89
N ASP A 104 -26.07 18.97 27.16
CA ASP A 104 -25.99 20.31 27.75
C ASP A 104 -27.29 20.82 28.41
N PHE A 105 -28.35 20.02 28.36
CA PHE A 105 -29.63 20.38 28.98
C PHE A 105 -30.45 19.16 29.38
N THR A 106 -31.54 19.42 30.11
CA THR A 106 -32.54 18.39 30.41
C THR A 106 -33.95 18.98 30.56
N VAL A 107 -34.94 18.11 30.59
CA VAL A 107 -36.31 18.46 30.93
C VAL A 107 -36.71 17.64 32.16
N VAL A 108 -37.28 18.31 33.17
CA VAL A 108 -37.71 17.65 34.40
C VAL A 108 -39.12 18.10 34.79
N VAL A 109 -39.73 17.34 35.71
CA VAL A 109 -41.04 17.70 36.26
C VAL A 109 -40.86 18.16 37.71
N ALA A 110 -41.30 19.38 37.99
CA ALA A 110 -41.17 19.96 39.34
C ALA A 110 -42.30 20.92 39.67
N ASP A 111 -42.40 21.29 40.94
CA ASP A 111 -43.43 22.24 41.40
C ASP A 111 -42.97 23.69 41.33
N SER A 112 -41.67 23.90 41.55
CA SER A 112 -41.08 25.24 41.56
C SER A 112 -39.81 25.26 40.70
N PRO A 113 -39.46 26.44 40.13
CA PRO A 113 -38.18 26.63 39.44
C PRO A 113 -36.94 26.30 40.27
N GLN A 114 -37.04 26.48 41.60
CA GLN A 114 -35.95 26.17 42.53
C GLN A 114 -35.68 24.67 42.61
N SER A 115 -36.73 23.88 42.79
CA SER A 115 -36.63 22.42 42.87
C SER A 115 -36.32 21.79 41.51
N ALA A 116 -36.75 22.46 40.44
CA ALA A 116 -36.44 22.06 39.08
C ALA A 116 -34.93 22.04 38.85
N LYS A 117 -34.27 23.13 39.24
CA LYS A 117 -32.81 23.26 39.13
C LYS A 117 -32.08 22.21 39.97
N GLN A 118 -32.61 21.93 41.16
CA GLN A 118 -32.06 20.91 42.07
C GLN A 118 -32.10 19.50 41.47
N LEU A 119 -33.25 19.13 40.91
CA LEU A 119 -33.45 17.81 40.30
C LEU A 119 -32.60 17.61 39.06
N ALA A 120 -32.39 18.69 38.31
CA ALA A 120 -31.59 18.66 37.11
C ALA A 120 -30.10 18.44 37.40
N ARG A 121 -29.63 19.05 38.49
CA ARG A 121 -28.24 18.90 38.96
C ARG A 121 -27.92 17.47 39.38
N ALA A 122 -28.88 16.84 40.06
CA ALA A 122 -28.70 15.53 40.67
C ALA A 122 -28.64 14.34 39.71
N GLN A 123 -29.15 14.53 38.49
CA GLN A 123 -29.20 13.43 37.53
C GLN A 123 -27.98 13.31 36.61
N PHE A 124 -26.95 14.11 36.84
CA PHE A 124 -25.67 13.95 36.14
C PHE A 124 -24.90 12.75 36.71
N SER A 125 -24.71 12.75 38.03
CA SER A 125 -24.02 11.65 38.71
C SER A 125 -24.74 11.29 40.00
N VAL A 143 -24.49 28.38 38.72
CA VAL A 143 -25.68 29.14 38.37
C VAL A 143 -26.20 28.74 36.97
N ASP A 144 -27.41 28.20 36.94
CA ASP A 144 -28.05 27.77 35.70
C ASP A 144 -29.38 28.49 35.45
N ASP A 145 -29.93 28.31 34.25
CA ASP A 145 -31.18 28.94 33.88
C ASP A 145 -32.26 27.90 33.55
N CYS A 146 -33.50 28.17 33.95
CA CYS A 146 -34.60 27.26 33.69
C CYS A 146 -35.85 27.94 33.15
N LEU A 147 -36.63 27.21 32.36
CA LEU A 147 -37.82 27.74 31.72
C LEU A 147 -39.02 26.82 31.96
N CYS A 148 -40.16 27.40 32.27
CA CYS A 148 -41.39 26.63 32.47
C CYS A 148 -42.12 26.43 31.14
N VAL A 149 -42.36 25.16 30.81
CA VAL A 149 -43.00 24.81 29.54
C VAL A 149 -44.46 24.42 29.80
N ASP A 150 -45.32 25.43 29.90
CA ASP A 150 -46.73 25.22 30.23
C ASP A 150 -47.69 25.76 29.18
N LEU A 151 -47.21 26.68 28.36
CA LEU A 151 -47.96 27.22 27.24
C LEU A 151 -47.05 27.21 26.03
N VAL A 152 -47.46 26.48 24.99
CA VAL A 152 -46.68 26.33 23.77
C VAL A 152 -47.60 26.40 22.56
N ASP A 153 -47.41 27.41 21.71
CA ASP A 153 -48.22 27.63 20.50
C ASP A 153 -49.73 27.54 20.77
N ASN A 154 -50.18 28.29 21.77
CA ASN A 154 -51.59 28.34 22.21
C ASN A 154 -52.16 27.02 22.75
N HIS A 155 -51.27 26.12 23.14
CA HIS A 155 -51.68 24.87 23.76
C HIS A 155 -51.10 24.77 25.15
N TYR A 156 -51.94 24.39 26.10
CA TYR A 156 -51.52 24.22 27.48
C TYR A 156 -50.94 22.83 27.73
N VAL A 157 -49.88 22.77 28.51
CA VAL A 157 -49.22 21.51 28.85
C VAL A 157 -49.69 21.06 30.23
N THR A 158 -50.35 19.90 30.27
CA THR A 158 -50.73 19.29 31.54
C THR A 158 -50.09 17.91 31.68
N LEU A 159 -49.81 17.52 32.91
CA LEU A 159 -49.09 16.28 33.20
C LEU A 159 -49.94 15.26 33.93
N GLU A 160 -49.74 13.98 33.60
CA GLU A 160 -50.43 12.87 34.23
C GLU A 160 -49.43 11.73 34.52
N PHE A 161 -49.27 11.38 35.79
CA PHE A 161 -48.38 10.28 36.18
C PHE A 161 -48.89 8.93 35.68
N ASP A 162 -48.07 8.23 34.88
CA ASP A 162 -48.37 6.87 34.46
C ASP A 162 -47.18 5.90 34.58
N GLY A 163 -46.04 6.42 35.02
CA GLY A 163 -44.84 5.60 35.21
C GLY A 163 -43.97 5.33 33.99
N GLU A 164 -44.42 5.72 32.80
CA GLU A 164 -43.64 5.52 31.58
C GLU A 164 -42.44 6.45 31.50
N GLN A 165 -41.33 5.91 31.02
CA GLN A 165 -40.12 6.69 30.83
C GLN A 165 -39.87 6.92 29.35
N GLN A 166 -39.10 7.95 29.04
CA GLN A 166 -38.70 8.24 27.66
C GLN A 166 -37.30 8.86 27.69
N PRO A 167 -36.34 8.22 26.98
CA PRO A 167 -34.99 8.78 26.92
C PRO A 167 -34.97 10.10 26.14
N LEU A 168 -34.35 11.12 26.72
CA LEU A 168 -34.26 12.41 26.07
C LEU A 168 -33.11 12.40 25.05
N VAL A 169 -33.39 11.79 23.89
CA VAL A 169 -32.44 11.64 22.80
C VAL A 169 -33.18 11.95 21.49
N PRO A 170 -32.46 12.35 20.42
CA PRO A 170 -33.19 12.72 19.21
C PRO A 170 -33.90 11.55 18.51
N ASP A 171 -35.06 11.83 17.94
CA ASP A 171 -35.71 10.91 17.01
C ASP A 171 -34.91 10.91 15.71
N TRP A 172 -34.37 12.08 15.36
CA TRP A 172 -33.69 12.31 14.10
C TRP A 172 -32.61 13.36 14.33
N LYS A 173 -31.48 13.21 13.67
CA LYS A 173 -30.46 14.26 13.58
C LYS A 173 -29.89 14.35 12.18
N GLY A 174 -29.49 15.56 11.79
CA GLY A 174 -29.00 15.83 10.45
C GLY A 174 -29.04 17.31 10.10
N TYR A 175 -29.33 17.62 8.84
CA TYR A 175 -29.36 18.99 8.36
C TYR A 175 -30.56 19.15 7.44
N GLN A 176 -31.55 19.91 7.88
CA GLN A 176 -32.78 20.08 7.13
C GLN A 176 -33.15 21.56 7.06
N PRO A 177 -32.86 22.22 5.93
CA PRO A 177 -33.27 23.61 5.71
C PRO A 177 -34.77 23.75 5.75
N LEU A 178 -35.24 24.78 6.46
CA LEU A 178 -36.64 25.12 6.48
C LEU A 178 -37.00 25.89 5.22
N PRO A 179 -38.14 25.55 4.57
CA PRO A 179 -38.59 26.23 3.36
C PRO A 179 -38.98 27.70 3.59
N GLU A 180 -39.00 28.47 2.52
CA GLU A 180 -39.34 29.90 2.58
C GLU A 180 -40.77 30.16 2.09
N ASP B 7 3.88 44.63 23.29
CA ASP B 7 3.70 43.65 22.18
C ASP B 7 2.26 43.15 22.06
N ASN B 8 1.59 43.56 21.00
CA ASN B 8 0.22 43.14 20.73
C ASN B 8 0.14 41.69 20.25
N LYS B 9 -0.89 40.99 20.69
CA LYS B 9 -1.12 39.59 20.35
C LYS B 9 -2.48 39.42 19.69
N LEU B 10 -2.60 38.45 18.79
CA LEU B 10 -3.91 38.08 18.26
C LEU B 10 -4.47 36.92 19.06
N PHE B 11 -5.70 37.08 19.55
CA PHE B 11 -6.39 36.01 20.26
C PHE B 11 -7.63 35.56 19.50
N LEU B 12 -7.79 34.26 19.39
CA LEU B 12 -9.06 33.69 18.98
C LEU B 12 -9.78 33.36 20.27
N VAL B 13 -10.96 33.94 20.47
CA VAL B 13 -11.69 33.77 21.72
C VAL B 13 -13.07 33.17 21.48
N TYR B 14 -13.40 32.14 22.26
CA TYR B 14 -14.70 31.48 22.23
C TYR B 14 -15.49 31.97 23.44
N VAL B 15 -16.59 32.67 23.20
CA VAL B 15 -17.37 33.27 24.30
C VAL B 15 -18.80 32.77 24.33
N GLY B 16 -19.43 32.88 25.50
CA GLY B 16 -20.77 32.38 25.69
C GLY B 16 -21.63 33.35 26.48
N GLY B 17 -22.93 33.31 26.21
CA GLY B 17 -23.90 34.15 26.91
C GLY B 17 -25.31 33.99 26.37
N THR B 18 -26.21 34.84 26.84
CA THR B 18 -27.61 34.80 26.42
C THR B 18 -27.87 35.89 25.39
N ALA B 19 -28.96 35.73 24.65
CA ALA B 19 -29.45 36.76 23.75
C ALA B 19 -30.97 36.78 23.85
N PRO B 20 -31.58 37.96 23.65
CA PRO B 20 -33.04 38.09 23.68
C PRO B 20 -33.69 37.17 22.65
N GLY B 21 -34.70 36.42 23.09
CA GLY B 21 -35.37 35.47 22.21
C GLY B 21 -34.92 34.03 22.40
N ALA B 22 -33.64 33.84 22.71
CA ALA B 22 -33.03 32.52 22.80
C ALA B 22 -33.38 31.81 24.10
N ASN B 23 -33.56 30.49 24.03
CA ASN B 23 -33.84 29.68 25.21
C ASN B 23 -32.59 29.13 25.88
N ILE B 24 -31.54 28.93 25.11
CA ILE B 24 -30.28 28.41 25.66
C ILE B 24 -29.15 29.41 25.43
N GLU B 25 -28.03 29.15 26.11
CA GLU B 25 -26.79 29.89 25.94
C GLU B 25 -26.31 29.79 24.49
N LEU B 26 -25.82 30.90 23.96
CA LEU B 26 -25.24 30.91 22.63
C LEU B 26 -23.73 31.08 22.75
N HIS B 27 -23.01 30.75 21.68
CA HIS B 27 -21.56 30.86 21.68
C HIS B 27 -21.08 31.48 20.37
N ASP B 28 -20.04 32.31 20.46
CA ASP B 28 -19.46 32.89 19.25
C ASP B 28 -17.93 32.86 19.34
N ILE B 29 -17.29 32.91 18.18
CA ILE B 29 -15.84 33.07 18.08
C ILE B 29 -15.51 34.51 17.71
N ARG B 30 -14.65 35.15 18.51
CA ARG B 30 -14.18 36.51 18.22
C ARG B 30 -12.68 36.52 17.99
N PHE B 31 -12.23 37.42 17.12
CA PHE B 31 -10.83 37.75 16.99
C PHE B 31 -10.60 39.12 17.61
N VAL B 32 -9.64 39.18 18.52
CA VAL B 32 -9.30 40.42 19.22
C VAL B 32 -7.78 40.57 19.31
N VAL B 33 -7.33 41.82 19.46
CA VAL B 33 -5.91 42.13 19.57
C VAL B 33 -5.63 42.99 20.82
N GLY B 34 -4.65 42.56 21.60
CA GLY B 34 -4.18 43.33 22.75
C GLY B 34 -2.88 42.74 23.28
N PRO B 35 -2.22 43.45 24.22
CA PRO B 35 -1.01 42.96 24.89
C PRO B 35 -1.28 41.77 25.82
N SER B 36 -2.50 41.68 26.32
CA SER B 36 -2.93 40.59 27.21
C SER B 36 -4.41 40.35 27.00
N GLU B 38 -6.91 40.49 29.23
CA GLU B 38 -7.77 41.44 29.96
C GLU B 38 -7.94 42.77 29.24
N GLU B 39 -6.94 43.15 28.45
CA GLU B 39 -7.01 44.36 27.67
C GLU B 39 -7.88 44.21 26.42
N THR B 40 -8.22 42.96 26.07
CA THR B 40 -9.14 42.72 24.96
C THR B 40 -10.62 42.69 25.38
N TYR B 41 -10.87 42.75 26.69
CA TYR B 41 -12.25 42.68 27.23
C TYR B 41 -13.25 43.69 26.64
N PRO B 42 -12.89 45.00 26.55
CA PRO B 42 -13.77 45.94 25.84
C PRO B 42 -14.14 45.51 24.43
N ALA B 43 -13.15 45.03 23.67
CA ALA B 43 -13.39 44.55 22.29
C ALA B 43 -14.22 43.26 22.22
N ILE B 44 -14.07 42.39 23.22
CA ILE B 44 -14.92 41.20 23.32
C ILE B 44 -16.38 41.59 23.57
N ARG B 45 -16.58 42.52 24.50
CA ARG B 45 -17.92 42.98 24.87
C ARG B 45 -18.65 43.63 23.69
N LYS B 46 -17.95 44.44 22.90
CA LYS B 46 -18.60 45.12 21.79
C LYS B 46 -18.71 44.23 20.54
N GLY B 47 -17.88 43.20 20.46
CA GLY B 47 -18.01 42.19 19.43
C GLY B 47 -19.20 41.27 19.68
N TRP B 48 -19.51 41.04 20.96
CA TRP B 48 -20.62 40.15 21.36
C TRP B 48 -21.99 40.74 21.01
N PHE B 49 -22.76 39.98 20.24
CA PHE B 49 -24.04 40.45 19.71
C PHE B 49 -25.19 40.44 20.74
N GLY B 50 -25.07 39.62 21.77
CA GLY B 50 -26.19 39.37 22.67
C GLY B 50 -26.20 40.22 23.91
N THR B 51 -26.82 39.69 24.97
CA THR B 51 -26.92 40.34 26.26
C THR B 51 -25.55 40.39 26.95
N GLN B 52 -25.19 41.54 27.51
CA GLN B 52 -23.88 41.71 28.14
C GLN B 52 -23.79 41.06 29.52
N LYS B 53 -24.88 41.13 30.28
CA LYS B 53 -24.94 40.50 31.60
C LYS B 53 -24.70 39.00 31.48
N GLY B 54 -23.71 38.51 32.24
CA GLY B 54 -23.40 37.09 32.30
C GLY B 54 -22.49 36.58 31.20
N LEU B 55 -21.94 37.49 30.39
CA LEU B 55 -21.04 37.13 29.30
C LEU B 55 -19.75 36.50 29.85
N HIS B 56 -19.41 35.33 29.31
CA HIS B 56 -18.28 34.59 29.81
C HIS B 56 -17.38 34.06 28.73
N LEU B 57 -16.11 33.93 29.09
CA LEU B 57 -15.08 33.36 28.26
C LEU B 57 -15.08 31.86 28.49
N ASP B 58 -15.16 31.08 27.42
CA ASP B 58 -15.12 29.63 27.52
C ASP B 58 -13.77 29.02 27.16
N SER B 59 -13.12 29.58 26.14
CA SER B 59 -11.74 29.21 25.77
C SER B 59 -11.13 30.28 24.89
N PHE B 60 -9.80 30.25 24.79
CA PHE B 60 -9.08 31.13 23.89
C PHE B 60 -7.74 30.55 23.47
N VAL B 61 -7.19 31.09 22.39
CA VAL B 61 -5.82 30.77 21.99
C VAL B 61 -5.12 32.02 21.44
N HIS B 62 -3.93 32.30 21.94
CA HIS B 62 -3.04 33.26 21.30
C HIS B 62 -2.50 32.66 19.99
N LEU B 63 -2.99 33.17 18.86
CA LEU B 63 -2.57 32.71 17.52
C LEU B 63 -1.33 33.46 17.03
N HIS B 64 -0.23 32.74 16.86
CA HIS B 64 0.99 33.33 16.33
C HIS B 64 1.45 32.68 15.02
N HIS B 65 0.91 31.51 14.70
CA HIS B 65 1.36 30.75 13.53
C HIS B 65 0.24 29.94 12.95
N VAL B 66 0.09 30.01 11.62
CA VAL B 66 -0.90 29.23 10.88
C VAL B 66 -0.23 28.75 9.58
N ASP B 67 -0.24 27.43 9.34
CA ASP B 67 0.26 26.79 8.10
C ASP B 67 1.70 27.14 7.70
N GLY B 68 2.55 27.39 8.69
CA GLY B 68 3.94 27.77 8.45
C GLY B 68 4.16 29.28 8.38
N TYR B 69 3.09 30.04 8.59
CA TYR B 69 3.16 31.51 8.52
C TYR B 69 3.11 32.18 9.89
N ARG B 70 4.12 32.99 10.22
CA ARG B 70 4.08 33.83 11.41
C ARG B 70 3.17 35.03 11.18
N ILE B 71 2.32 35.30 12.17
CA ILE B 71 1.39 36.41 12.11
C ILE B 71 2.05 37.65 12.70
N HIS B 72 2.08 38.73 11.92
CA HIS B 72 2.58 40.02 12.37
C HIS B 72 1.42 41.01 12.49
N LEU B 73 1.54 41.94 13.43
CA LEU B 73 0.52 42.95 13.66
C LEU B 73 1.14 44.33 13.65
N THR B 74 0.64 45.20 12.77
CA THR B 74 1.13 46.58 12.66
C THR B 74 -0.04 47.56 12.57
N SER B 75 0.22 48.82 12.91
CA SER B 75 -0.81 49.85 12.94
C SER B 75 -1.16 50.44 11.57
N GLU B 76 -0.30 50.28 10.57
CA GLU B 76 -0.46 50.99 9.29
C GLU B 76 -0.64 50.17 8.01
N ALA B 77 0.26 49.20 7.78
CA ALA B 77 0.34 48.42 6.53
C ALA B 77 0.51 49.28 5.27
N PRO B 81 0.42 46.04 -0.16
CA PRO B 81 -0.35 44.95 -0.76
C PRO B 81 0.13 43.58 -0.30
N GLU B 82 -0.82 42.68 -0.04
CA GLU B 82 -0.50 41.33 0.43
C GLU B 82 -0.99 40.25 -0.52
N GLU B 83 -0.18 39.21 -0.70
CA GLU B 83 -0.50 38.09 -1.57
C GLU B 83 -1.48 37.14 -0.89
N LYS B 84 -1.08 36.62 0.27
CA LYS B 84 -1.90 35.67 1.02
C LYS B 84 -2.45 36.28 2.30
N ARG B 85 -3.56 35.73 2.79
CA ARG B 85 -4.22 36.24 3.98
C ARG B 85 -4.74 35.14 4.91
N LEU B 86 -5.06 35.55 6.14
CA LEU B 86 -5.60 34.66 7.14
C LEU B 86 -7.10 34.51 6.96
N TYR B 87 -7.56 33.27 6.85
CA TYR B 87 -8.99 33.01 6.72
C TYR B 87 -9.50 32.12 7.84
N PHE B 88 -10.62 32.52 8.43
CA PHE B 88 -11.31 31.71 9.42
C PHE B 88 -12.48 31.04 8.71
N VAL B 89 -12.59 29.72 8.86
CA VAL B 89 -13.65 28.96 8.18
C VAL B 89 -14.53 28.19 9.17
N ASN B 90 -15.81 28.53 9.19
CA ASN B 90 -16.79 27.87 10.06
C ASN B 90 -17.57 26.80 9.31
N PHE B 91 -17.56 25.58 9.86
CA PHE B 91 -18.36 24.48 9.33
C PHE B 91 -19.73 24.44 10.00
N GLY B 92 -20.79 24.51 9.20
CA GLY B 92 -22.17 24.48 9.69
C GLY B 92 -22.62 23.12 10.20
N TYR B 102 -11.42 22.29 19.55
CA TYR B 102 -11.71 23.06 18.34
C TYR B 102 -11.80 22.12 17.14
N HIS B 103 -13.02 21.77 16.76
CA HIS B 103 -13.25 20.77 15.71
C HIS B 103 -14.11 21.31 14.57
N ASP B 104 -15.15 22.08 14.91
CA ASP B 104 -16.13 22.59 13.93
C ASP B 104 -15.67 23.85 13.16
N PHE B 105 -14.42 24.24 13.34
CA PHE B 105 -13.82 25.34 12.58
C PHE B 105 -12.32 25.15 12.38
N THR B 106 -11.75 25.98 11.51
CA THR B 106 -10.30 26.04 11.33
C THR B 106 -9.86 27.43 10.88
N VAL B 107 -8.55 27.66 10.94
CA VAL B 107 -7.92 28.86 10.38
C VAL B 107 -6.85 28.43 9.36
N VAL B 108 -6.93 29.00 8.15
CA VAL B 108 -6.00 28.65 7.07
C VAL B 108 -5.37 29.88 6.42
N VAL B 109 -4.28 29.67 5.71
CA VAL B 109 -3.65 30.71 4.92
C VAL B 109 -3.90 30.46 3.44
N ALA B 110 -4.52 31.43 2.77
CA ALA B 110 -4.88 31.32 1.33
C ALA B 110 -4.95 32.67 0.61
N ASP B 111 -5.03 32.61 -0.72
CA ASP B 111 -5.07 33.84 -1.54
C ASP B 111 -6.48 34.35 -1.81
N SER B 112 -7.43 33.42 -1.90
CA SER B 112 -8.82 33.75 -2.20
C SER B 112 -9.77 33.07 -1.20
N PRO B 113 -10.97 33.65 -0.97
CA PRO B 113 -12.00 33.00 -0.15
C PRO B 113 -12.42 31.61 -0.63
N GLN B 114 -12.37 31.37 -1.93
CA GLN B 114 -12.71 30.06 -2.49
C GLN B 114 -11.65 29.00 -2.23
N SER B 115 -10.38 29.40 -2.36
CA SER B 115 -9.26 28.48 -2.07
C SER B 115 -9.12 28.21 -0.59
N ALA B 116 -9.57 29.15 0.23
CA ALA B 116 -9.63 29.01 1.69
C ALA B 116 -10.60 27.91 2.11
N LYS B 117 -11.79 27.92 1.51
CA LYS B 117 -12.83 26.92 1.76
C LYS B 117 -12.39 25.52 1.34
N GLN B 118 -11.72 25.42 0.20
CA GLN B 118 -11.23 24.15 -0.33
C GLN B 118 -10.14 23.54 0.56
N LEU B 119 -9.21 24.40 0.99
CA LEU B 119 -8.15 23.99 1.92
C LEU B 119 -8.69 23.54 3.27
N ALA B 120 -9.81 24.16 3.68
CA ALA B 120 -10.50 23.80 4.91
C ALA B 120 -11.18 22.44 4.82
N ARG B 121 -11.72 22.12 3.64
CA ARG B 121 -12.36 20.83 3.38
C ARG B 121 -11.35 19.68 3.40
N ALA B 122 -10.13 19.96 2.94
CA ALA B 122 -9.08 18.95 2.81
C ALA B 122 -8.40 18.57 4.12
N GLN B 123 -8.61 19.37 5.17
CA GLN B 123 -7.95 19.15 6.46
C GLN B 123 -8.61 18.07 7.34
N PHE B 124 -9.77 17.57 6.94
CA PHE B 124 -10.51 16.56 7.71
C PHE B 124 -9.86 15.18 7.66
N SER B 125 -9.67 14.66 6.44
CA SER B 125 -9.04 13.35 6.24
C SER B 125 -8.25 13.30 4.94
N VAL B 143 -21.51 23.65 1.32
CA VAL B 143 -21.60 25.10 1.41
C VAL B 143 -21.25 25.59 2.82
N ASP B 144 -20.09 26.22 2.95
CA ASP B 144 -19.61 26.77 4.23
C ASP B 144 -19.46 28.30 4.17
N ASP B 145 -19.12 28.89 5.32
CA ASP B 145 -18.93 30.33 5.41
C ASP B 145 -17.53 30.66 5.96
N CYS B 146 -16.90 31.67 5.38
CA CYS B 146 -15.57 32.09 5.81
C CYS B 146 -15.44 33.60 6.06
N LEU B 147 -14.51 33.95 6.95
CA LEU B 147 -14.21 35.34 7.26
C LEU B 147 -12.74 35.62 6.99
N CYS B 148 -12.46 36.78 6.40
CA CYS B 148 -11.08 37.21 6.19
C CYS B 148 -10.58 37.98 7.41
N VAL B 149 -9.56 37.44 8.07
CA VAL B 149 -8.96 38.04 9.26
C VAL B 149 -7.76 38.88 8.83
N ASP B 150 -7.99 40.16 8.58
CA ASP B 150 -6.97 41.06 8.06
C ASP B 150 -6.87 42.37 8.82
N LEU B 151 -7.98 42.79 9.41
CA LEU B 151 -8.02 44.00 10.23
C LEU B 151 -8.76 43.66 11.51
N VAL B 152 -8.08 43.77 12.64
CA VAL B 152 -8.64 43.41 13.94
C VAL B 152 -8.28 44.46 14.97
N ASP B 153 -9.31 45.10 15.54
CA ASP B 153 -9.17 46.19 16.52
C ASP B 153 -8.12 47.24 16.11
N ASN B 154 -8.26 47.76 14.89
CA ASN B 154 -7.33 48.74 14.31
C ASN B 154 -5.87 48.26 14.15
N HIS B 155 -5.71 46.96 13.93
CA HIS B 155 -4.39 46.38 13.66
C HIS B 155 -4.46 45.48 12.44
N TYR B 156 -3.46 45.59 11.58
CA TYR B 156 -3.41 44.84 10.32
C TYR B 156 -2.69 43.51 10.50
N VAL B 157 -3.18 42.49 9.81
CA VAL B 157 -2.57 41.17 9.88
C VAL B 157 -1.74 40.92 8.63
N THR B 158 -0.43 40.76 8.83
CA THR B 158 0.49 40.42 7.76
C THR B 158 1.19 39.12 8.09
N LEU B 159 1.44 38.31 7.07
CA LEU B 159 2.00 36.98 7.25
C LEU B 159 3.42 36.84 6.71
N GLU B 160 4.21 35.99 7.37
CA GLU B 160 5.59 35.70 6.97
C GLU B 160 5.83 34.21 7.06
N PHE B 161 6.26 33.58 5.97
CA PHE B 161 6.64 32.18 6.01
C PHE B 161 7.91 32.00 6.84
N ASP B 162 7.84 31.09 7.82
CA ASP B 162 9.00 30.76 8.65
C ASP B 162 9.03 29.29 9.06
N GLY B 163 8.00 28.56 8.68
CA GLY B 163 7.96 27.11 8.86
C GLY B 163 7.33 26.58 10.14
N GLU B 164 7.13 27.45 11.13
CA GLU B 164 6.60 27.02 12.44
C GLU B 164 5.14 26.58 12.38
N GLN B 165 4.86 25.47 13.06
CA GLN B 165 3.49 25.00 13.22
C GLN B 165 2.92 25.45 14.56
N GLN B 166 1.60 25.56 14.64
CA GLN B 166 0.92 25.79 15.90
C GLN B 166 -0.36 24.98 15.91
N PRO B 167 -0.48 24.04 16.86
CA PRO B 167 -1.72 23.27 16.95
C PRO B 167 -2.88 24.18 17.37
N LEU B 168 -3.98 24.12 16.60
CA LEU B 168 -5.15 24.93 16.87
C LEU B 168 -5.93 24.31 18.04
N VAL B 169 -5.45 24.56 19.26
CA VAL B 169 -6.06 24.07 20.49
C VAL B 169 -6.04 25.22 21.52
N PRO B 170 -7.00 25.21 22.47
CA PRO B 170 -7.01 26.31 23.44
C PRO B 170 -5.76 26.36 24.30
N ASP B 171 -5.32 27.58 24.64
CA ASP B 171 -4.32 27.78 25.69
C ASP B 171 -4.95 27.46 27.04
N TRP B 172 -6.24 27.77 27.16
CA TRP B 172 -7.01 27.64 28.38
C TRP B 172 -8.46 27.33 28.01
N LYS B 173 -9.11 26.49 28.80
CA LYS B 173 -10.56 26.33 28.69
C LYS B 173 -11.20 26.30 30.08
N GLY B 174 -12.46 26.69 30.14
CA GLY B 174 -13.18 26.75 31.41
C GLY B 174 -14.36 27.68 31.36
N TYR B 175 -14.55 28.44 32.43
CA TYR B 175 -15.68 29.35 32.56
C TYR B 175 -15.20 30.59 33.28
N GLN B 176 -15.01 31.67 32.52
CA GLN B 176 -14.54 32.93 33.05
C GLN B 176 -15.46 34.09 32.68
N PRO B 177 -16.35 34.51 33.61
CA PRO B 177 -17.16 35.71 33.39
C PRO B 177 -16.30 36.96 33.24
N LEU B 178 -16.65 37.81 32.28
CA LEU B 178 -16.00 39.10 32.15
C LEU B 178 -16.52 40.03 33.26
N PRO B 179 -15.69 40.97 33.73
CA PRO B 179 -16.11 42.00 34.70
C PRO B 179 -17.17 42.96 34.15
N GLU B 180 -17.65 43.88 34.97
CA GLU B 180 -18.64 44.86 34.53
C GLU B 180 -17.98 46.15 34.02
N ASP C 7 -55.80 0.50 2.18
CA ASP C 7 -54.54 1.29 2.30
C ASP C 7 -53.47 0.79 1.32
N ASN C 8 -53.16 1.62 0.33
CA ASN C 8 -52.15 1.30 -0.66
C ASN C 8 -50.72 1.41 -0.12
N LYS C 9 -49.85 0.53 -0.63
CA LYS C 9 -48.47 0.43 -0.18
C LYS C 9 -47.54 0.48 -1.37
N LEU C 10 -46.40 1.14 -1.21
CA LEU C 10 -45.35 1.09 -2.22
C LEU C 10 -44.43 -0.09 -1.93
N PHE C 11 -44.26 -0.96 -2.91
CA PHE C 11 -43.33 -2.08 -2.78
C PHE C 11 -42.23 -1.96 -3.81
N LEU C 12 -41.01 -2.25 -3.38
CA LEU C 12 -39.90 -2.48 -4.28
C LEU C 12 -39.77 -4.00 -4.40
N VAL C 13 -39.81 -4.50 -5.63
CA VAL C 13 -39.90 -5.94 -5.86
C VAL C 13 -38.75 -6.40 -6.76
N TYR C 14 -38.08 -7.46 -6.34
CA TYR C 14 -36.97 -8.05 -7.08
C TYR C 14 -37.50 -9.32 -7.73
N VAL C 15 -37.61 -9.30 -9.06
CA VAL C 15 -38.19 -10.41 -9.79
C VAL C 15 -37.19 -11.12 -10.67
N GLY C 16 -37.39 -12.42 -10.82
CA GLY C 16 -36.51 -13.25 -11.63
C GLY C 16 -37.28 -13.99 -12.71
N GLY C 17 -36.57 -14.35 -13.76
CA GLY C 17 -37.17 -15.08 -14.86
C GLY C 17 -36.23 -15.14 -16.03
N THR C 18 -36.77 -15.50 -17.20
CA THR C 18 -35.95 -15.62 -18.39
C THR C 18 -36.39 -14.65 -19.49
N ALA C 19 -35.58 -14.59 -20.54
CA ALA C 19 -35.93 -13.82 -21.74
C ALA C 19 -35.30 -14.51 -22.95
N PRO C 20 -35.88 -14.33 -24.16
CA PRO C 20 -35.37 -15.00 -25.36
C PRO C 20 -33.94 -14.61 -25.69
N GLY C 21 -33.09 -15.63 -25.84
CA GLY C 21 -31.69 -15.42 -26.17
C GLY C 21 -30.73 -15.53 -24.99
N ALA C 22 -31.27 -15.48 -23.77
CA ALA C 22 -30.44 -15.47 -22.58
C ALA C 22 -30.17 -16.87 -22.02
N ASN C 23 -28.93 -17.10 -21.59
CA ASN C 23 -28.50 -18.38 -21.04
C ASN C 23 -28.77 -18.57 -19.55
N ILE C 24 -28.82 -17.48 -18.80
CA ILE C 24 -29.12 -17.58 -17.37
C ILE C 24 -30.42 -16.85 -17.01
N GLU C 25 -30.86 -17.04 -15.78
CA GLU C 25 -32.00 -16.32 -15.23
C GLU C 25 -31.62 -14.84 -15.08
N LEU C 26 -32.57 -13.96 -15.36
CA LEU C 26 -32.35 -12.53 -15.31
C LEU C 26 -33.17 -11.90 -14.20
N HIS C 27 -32.69 -10.78 -13.67
CA HIS C 27 -33.32 -10.13 -12.54
C HIS C 27 -33.55 -8.65 -12.77
N ASP C 28 -34.66 -8.14 -12.26
CA ASP C 28 -34.98 -6.73 -12.34
C ASP C 28 -35.65 -6.27 -11.05
N ILE C 29 -35.59 -4.97 -10.79
CA ILE C 29 -36.32 -4.35 -9.70
C ILE C 29 -37.51 -3.61 -10.28
N ARG C 30 -38.68 -3.88 -9.74
CA ARG C 30 -39.88 -3.16 -10.14
C ARG C 30 -40.43 -2.42 -8.93
N PHE C 31 -41.04 -1.27 -9.17
CA PHE C 31 -41.79 -0.57 -8.15
C PHE C 31 -43.25 -0.76 -8.46
N VAL C 32 -44.02 -1.18 -7.46
CA VAL C 32 -45.45 -1.45 -7.65
C VAL C 32 -46.26 -0.92 -6.46
N VAL C 33 -47.54 -0.63 -6.72
CA VAL C 33 -48.44 -0.11 -5.68
C VAL C 33 -49.69 -0.97 -5.57
N GLY C 34 -49.98 -1.43 -4.36
CA GLY C 34 -51.21 -2.15 -4.07
C GLY C 34 -51.45 -2.25 -2.57
N PRO C 35 -52.66 -2.67 -2.18
CA PRO C 35 -52.94 -2.89 -0.76
C PRO C 35 -52.33 -4.18 -0.20
N SER C 36 -51.90 -5.08 -1.08
CA SER C 36 -51.18 -6.29 -0.68
C SER C 36 -50.26 -6.73 -1.82
N GLU C 38 -50.09 -9.66 -3.41
CA GLU C 38 -50.76 -10.46 -4.45
C GLU C 38 -51.53 -9.61 -5.47
N GLU C 39 -51.93 -8.42 -5.04
CA GLU C 39 -52.65 -7.51 -5.92
C GLU C 39 -51.72 -6.68 -6.81
N THR C 40 -50.41 -6.85 -6.63
CA THR C 40 -49.42 -6.21 -7.48
C THR C 40 -48.95 -7.09 -8.62
N TYR C 41 -49.36 -8.36 -8.60
CA TYR C 41 -48.95 -9.35 -9.63
C TYR C 41 -49.22 -8.95 -11.10
N PRO C 42 -50.42 -8.42 -11.42
CA PRO C 42 -50.61 -7.89 -12.78
C PRO C 42 -49.61 -6.83 -13.20
N ALA C 43 -49.35 -5.87 -12.32
CA ALA C 43 -48.40 -4.79 -12.59
C ALA C 43 -46.97 -5.29 -12.72
N ILE C 44 -46.62 -6.27 -11.88
CA ILE C 44 -45.32 -6.94 -11.94
C ILE C 44 -45.11 -7.61 -13.30
N ARG C 45 -46.12 -8.34 -13.76
CA ARG C 45 -46.07 -9.03 -15.06
C ARG C 45 -45.97 -8.04 -16.22
N LYS C 46 -46.73 -6.95 -16.12
CA LYS C 46 -46.76 -5.92 -17.15
C LYS C 46 -45.42 -5.18 -17.28
N GLY C 47 -44.72 -5.03 -16.16
CA GLY C 47 -43.42 -4.36 -16.14
C GLY C 47 -42.26 -5.26 -16.56
N TRP C 48 -42.48 -6.57 -16.51
CA TRP C 48 -41.43 -7.55 -16.83
C TRP C 48 -41.05 -7.56 -18.31
N PHE C 49 -39.78 -7.27 -18.58
CA PHE C 49 -39.29 -7.15 -19.95
C PHE C 49 -39.18 -8.49 -20.68
N GLY C 50 -39.14 -9.59 -19.93
CA GLY C 50 -38.77 -10.88 -20.50
C GLY C 50 -39.93 -11.79 -20.76
N THR C 51 -39.69 -13.08 -20.53
CA THR C 51 -40.69 -14.14 -20.74
C THR C 51 -41.56 -14.27 -19.49
N GLN C 52 -42.87 -14.36 -19.71
CA GLN C 52 -43.83 -14.49 -18.61
C GLN C 52 -43.81 -15.83 -17.87
N LYS C 53 -43.52 -16.91 -18.60
CA LYS C 53 -43.57 -18.26 -18.04
C LYS C 53 -42.41 -18.49 -17.04
N GLY C 54 -42.78 -18.76 -15.80
CA GLY C 54 -41.79 -19.07 -14.75
C GLY C 54 -41.34 -17.87 -13.94
N LEU C 55 -41.90 -16.69 -14.24
CA LEU C 55 -41.66 -15.45 -13.51
C LEU C 55 -41.82 -15.64 -12.01
N HIS C 56 -40.83 -15.24 -11.25
CA HIS C 56 -40.83 -15.47 -9.81
C HIS C 56 -40.36 -14.26 -9.00
N LEU C 57 -40.81 -14.22 -7.76
CA LEU C 57 -40.48 -13.19 -6.83
C LEU C 57 -39.30 -13.69 -6.01
N ASP C 58 -38.23 -12.90 -5.94
CA ASP C 58 -37.05 -13.31 -5.17
C ASP C 58 -36.88 -12.57 -3.86
N SER C 59 -37.38 -11.33 -3.81
CA SER C 59 -37.46 -10.54 -2.58
C SER C 59 -38.33 -9.31 -2.80
N PHE C 60 -38.80 -8.72 -1.71
CA PHE C 60 -39.49 -7.45 -1.75
C PHE C 60 -39.36 -6.71 -0.42
N VAL C 61 -39.66 -5.42 -0.46
CA VAL C 61 -39.76 -4.60 0.75
C VAL C 61 -40.88 -3.57 0.58
N HIS C 62 -41.73 -3.46 1.59
CA HIS C 62 -42.68 -2.37 1.66
C HIS C 62 -41.88 -1.11 2.05
N LEU C 63 -41.83 -0.17 1.12
CA LEU C 63 -41.09 1.08 1.30
C LEU C 63 -42.03 2.17 1.80
N HIS C 64 -41.81 2.64 3.02
CA HIS C 64 -42.65 3.70 3.60
C HIS C 64 -41.85 4.94 4.05
N HIS C 65 -40.54 4.78 4.18
CA HIS C 65 -39.67 5.88 4.62
C HIS C 65 -38.33 5.83 3.91
N VAL C 66 -37.91 6.97 3.38
CA VAL C 66 -36.57 7.13 2.83
C VAL C 66 -35.98 8.45 3.33
N ASP C 67 -34.80 8.36 3.97
CA ASP C 67 -33.99 9.53 4.36
C ASP C 67 -34.71 10.57 5.23
N GLY C 68 -35.52 10.10 6.17
CA GLY C 68 -36.32 10.98 7.03
C GLY C 68 -37.65 11.44 6.43
N TYR C 69 -37.99 10.92 5.25
CA TYR C 69 -39.24 11.30 4.58
C TYR C 69 -40.24 10.14 4.50
N ARG C 70 -41.45 10.37 4.99
CA ARG C 70 -42.57 9.42 4.84
C ARG C 70 -43.14 9.50 3.43
N ILE C 71 -43.43 8.33 2.84
CA ILE C 71 -43.99 8.22 1.49
C ILE C 71 -45.52 8.19 1.53
N HIS C 72 -46.16 9.10 0.80
CA HIS C 72 -47.62 9.12 0.67
C HIS C 72 -48.06 8.78 -0.75
N LEU C 73 -49.18 8.08 -0.87
CA LEU C 73 -49.70 7.68 -2.17
C LEU C 73 -51.10 8.23 -2.42
N THR C 74 -51.26 8.96 -3.52
CA THR C 74 -52.54 9.57 -3.89
C THR C 74 -52.85 9.40 -5.37
N SER C 75 -54.14 9.45 -5.72
CA SER C 75 -54.57 9.36 -7.11
C SER C 75 -54.35 10.66 -7.87
N GLU C 76 -54.44 11.79 -7.16
CA GLU C 76 -54.30 13.12 -7.78
C GLU C 76 -53.07 13.85 -7.27
N ALA C 77 -52.43 14.58 -8.17
CA ALA C 77 -51.25 15.38 -7.84
C ALA C 77 -51.66 16.72 -7.24
N PRO C 81 -46.49 20.56 -7.79
CA PRO C 81 -45.64 21.56 -7.13
C PRO C 81 -44.85 20.94 -5.98
N GLU C 82 -43.93 20.02 -6.30
CA GLU C 82 -43.18 19.27 -5.31
C GLU C 82 -41.68 19.58 -5.36
N GLU C 83 -41.11 19.92 -4.20
CA GLU C 83 -39.69 20.27 -4.09
C GLU C 83 -38.76 19.06 -4.26
N LYS C 84 -38.92 18.08 -3.38
CA LYS C 84 -38.05 16.89 -3.36
C LYS C 84 -38.80 15.64 -3.79
N ARG C 85 -38.07 14.72 -4.41
CA ARG C 85 -38.68 13.50 -4.94
C ARG C 85 -37.84 12.27 -4.63
N LEU C 86 -38.46 11.09 -4.75
CA LEU C 86 -37.78 9.82 -4.62
C LEU C 86 -36.94 9.51 -5.85
N TYR C 87 -35.71 9.08 -5.63
CA TYR C 87 -34.86 8.66 -6.72
C TYR C 87 -34.27 7.30 -6.45
N PHE C 88 -34.45 6.40 -7.41
CA PHE C 88 -33.85 5.08 -7.38
C PHE C 88 -32.55 5.20 -8.14
N VAL C 89 -31.45 4.74 -7.52
CA VAL C 89 -30.14 4.80 -8.16
C VAL C 89 -29.52 3.42 -8.26
N ASN C 90 -29.28 2.98 -9.50
CA ASN C 90 -28.64 1.69 -9.75
C ASN C 90 -27.14 1.89 -9.97
N PHE C 91 -26.33 1.20 -9.17
CA PHE C 91 -24.88 1.26 -9.32
C PHE C 91 -24.39 0.34 -10.45
N GLY C 92 -23.58 0.90 -11.35
CA GLY C 92 -23.03 0.16 -12.46
C GLY C 92 -21.84 -0.71 -12.06
N GLU C 101 -30.36 -9.16 0.42
CA GLU C 101 -29.22 -8.27 0.19
C GLU C 101 -29.50 -7.26 -0.90
N TYR C 102 -29.54 -5.98 -0.51
CA TYR C 102 -29.67 -4.88 -1.46
C TYR C 102 -28.42 -4.01 -1.39
N HIS C 103 -27.44 -4.32 -2.24
CA HIS C 103 -26.14 -3.66 -2.19
C HIS C 103 -25.84 -2.83 -3.43
N ASP C 104 -26.30 -3.32 -4.59
CA ASP C 104 -25.98 -2.69 -5.88
C ASP C 104 -26.92 -1.55 -6.29
N PHE C 105 -27.79 -1.14 -5.37
CA PHE C 105 -28.67 0.01 -5.59
C PHE C 105 -29.04 0.70 -4.28
N THR C 106 -29.69 1.85 -4.40
CA THR C 106 -30.26 2.56 -3.25
C THR C 106 -31.44 3.44 -3.66
N VAL C 107 -32.18 3.91 -2.67
CA VAL C 107 -33.23 4.90 -2.88
C VAL C 107 -32.90 6.14 -2.03
N VAL C 108 -32.95 7.32 -2.65
CA VAL C 108 -32.67 8.57 -1.94
C VAL C 108 -33.78 9.60 -2.18
N VAL C 109 -33.80 10.64 -1.33
CA VAL C 109 -34.65 11.80 -1.53
C VAL C 109 -33.79 12.99 -1.96
N ALA C 110 -34.12 13.58 -3.11
CA ALA C 110 -33.37 14.70 -3.68
C ALA C 110 -34.24 15.63 -4.53
N ASP C 111 -33.70 16.80 -4.87
CA ASP C 111 -34.41 17.80 -5.68
C ASP C 111 -34.13 17.69 -7.17
N SER C 112 -33.07 16.95 -7.52
CA SER C 112 -32.62 16.80 -8.92
C SER C 112 -31.91 15.45 -9.11
N PRO C 113 -31.98 14.88 -10.33
CA PRO C 113 -31.24 13.66 -10.70
C PRO C 113 -29.73 13.69 -10.41
N GLN C 114 -29.11 14.86 -10.60
CA GLN C 114 -27.66 15.00 -10.41
C GLN C 114 -27.26 15.03 -8.93
N SER C 115 -28.09 15.65 -8.09
CA SER C 115 -27.88 15.64 -6.64
C SER C 115 -28.20 14.26 -6.05
N ALA C 116 -29.15 13.58 -6.69
CA ALA C 116 -29.50 12.20 -6.33
C ALA C 116 -28.36 11.23 -6.54
N LYS C 117 -27.60 11.43 -7.62
CA LYS C 117 -26.42 10.63 -7.91
C LYS C 117 -25.28 10.93 -6.93
N GLN C 118 -25.15 12.20 -6.56
CA GLN C 118 -24.14 12.64 -5.60
C GLN C 118 -24.39 12.07 -4.21
N LEU C 119 -25.64 12.11 -3.78
CA LEU C 119 -26.06 11.56 -2.48
C LEU C 119 -25.91 10.05 -2.40
N ALA C 120 -26.14 9.37 -3.53
CA ALA C 120 -26.00 7.92 -3.63
C ALA C 120 -24.55 7.47 -3.57
N ARG C 121 -23.65 8.28 -4.13
CA ARG C 121 -22.21 8.00 -4.12
C ARG C 121 -21.61 8.16 -2.73
N ALA C 122 -22.17 9.11 -1.97
CA ALA C 122 -21.72 9.41 -0.62
C ALA C 122 -22.05 8.30 0.39
N GLN C 123 -23.05 7.50 0.08
CA GLN C 123 -23.58 6.49 1.01
C GLN C 123 -22.71 5.25 1.21
N PHE C 124 -21.76 4.99 0.31
CA PHE C 124 -20.88 3.84 0.41
C PHE C 124 -19.86 3.97 1.56
N SER C 125 -19.03 5.01 1.49
CA SER C 125 -18.02 5.25 2.52
C SER C 125 -17.99 6.72 2.93
N VAL C 143 -19.99 7.01 -13.71
CA VAL C 143 -21.24 7.28 -14.43
C VAL C 143 -22.30 6.24 -14.10
N ASP C 144 -23.32 6.66 -13.35
CA ASP C 144 -24.42 5.80 -12.96
C ASP C 144 -25.74 6.25 -13.59
N ASP C 145 -26.79 5.44 -13.41
CA ASP C 145 -28.12 5.76 -13.91
C ASP C 145 -29.12 5.87 -12.76
N CYS C 146 -30.06 6.81 -12.89
CA CYS C 146 -31.08 7.00 -11.86
C CYS C 146 -32.49 7.19 -12.42
N LEU C 147 -33.48 6.76 -11.65
CA LEU C 147 -34.88 6.85 -12.04
C LEU C 147 -35.66 7.63 -10.99
N CYS C 148 -36.56 8.50 -11.43
CA CYS C 148 -37.42 9.23 -10.52
C CYS C 148 -38.70 8.44 -10.25
N VAL C 149 -38.88 8.05 -8.98
CA VAL C 149 -40.04 7.26 -8.57
C VAL C 149 -41.15 8.20 -8.09
N ASP C 150 -41.88 8.78 -9.02
CA ASP C 150 -42.95 9.74 -8.69
C ASP C 150 -44.35 9.29 -9.10
N LEU C 151 -44.42 8.49 -10.17
CA LEU C 151 -45.68 7.93 -10.63
C LEU C 151 -45.51 6.41 -10.75
N VAL C 152 -46.30 5.69 -9.96
CA VAL C 152 -46.25 4.24 -9.93
C VAL C 152 -47.67 3.70 -9.94
N ASP C 153 -47.99 2.88 -10.96
CA ASP C 153 -49.32 2.23 -11.10
C ASP C 153 -50.50 3.18 -10.86
N ASN C 154 -50.49 4.32 -11.55
CA ASN C 154 -51.49 5.39 -11.40
C ASN C 154 -51.61 6.03 -10.00
N HIS C 155 -50.54 5.95 -9.23
CA HIS C 155 -50.49 6.61 -7.92
C HIS C 155 -49.30 7.56 -7.84
N TYR C 156 -49.54 8.74 -7.28
CA TYR C 156 -48.51 9.77 -7.15
C TYR C 156 -47.79 9.63 -5.83
N VAL C 157 -46.48 9.81 -5.88
CA VAL C 157 -45.62 9.71 -4.71
C VAL C 157 -45.36 11.12 -4.18
N THR C 158 -45.74 11.34 -2.92
CA THR C 158 -45.44 12.60 -2.25
C THR C 158 -44.73 12.33 -0.94
N LEU C 159 -43.75 13.17 -0.64
CA LEU C 159 -42.93 13.00 0.55
C LEU C 159 -43.28 13.99 1.66
N GLU C 160 -43.24 13.51 2.90
CA GLU C 160 -43.43 14.33 4.09
C GLU C 160 -42.30 14.05 5.06
N PHE C 161 -41.55 15.08 5.44
CA PHE C 161 -40.47 14.93 6.40
C PHE C 161 -41.03 14.64 7.79
N ASP C 162 -40.57 13.55 8.40
CA ASP C 162 -40.99 13.22 9.76
C ASP C 162 -39.86 12.66 10.62
N GLY C 163 -38.68 12.54 10.01
CA GLY C 163 -37.49 12.08 10.71
C GLY C 163 -37.21 10.57 10.76
N GLU C 164 -38.21 9.75 10.48
CA GLU C 164 -38.04 8.29 10.57
C GLU C 164 -37.16 7.72 9.46
N GLN C 165 -36.30 6.79 9.87
CA GLN C 165 -35.46 6.08 8.93
C GLN C 165 -36.07 4.70 8.66
N GLN C 166 -35.67 4.09 7.56
CA GLN C 166 -36.04 2.71 7.27
C GLN C 166 -34.89 2.02 6.58
N PRO C 167 -34.36 0.95 7.19
CA PRO C 167 -33.29 0.18 6.56
C PRO C 167 -33.80 -0.44 5.26
N LEU C 168 -33.01 -0.30 4.20
CA LEU C 168 -33.37 -0.84 2.90
C LEU C 168 -32.89 -2.29 2.82
N VAL C 169 -33.63 -3.16 3.49
CA VAL C 169 -33.40 -4.60 3.49
C VAL C 169 -34.73 -5.29 3.13
N PRO C 170 -34.68 -6.51 2.56
CA PRO C 170 -35.92 -7.25 2.24
C PRO C 170 -36.84 -7.48 3.45
N ASP C 171 -38.14 -7.42 3.24
CA ASP C 171 -39.13 -7.90 4.20
C ASP C 171 -39.12 -9.43 4.19
N TRP C 172 -38.79 -9.98 3.03
CA TRP C 172 -38.81 -11.41 2.77
C TRP C 172 -37.85 -11.62 1.61
N LYS C 173 -37.11 -12.72 1.64
CA LYS C 173 -36.38 -13.19 0.47
C LYS C 173 -36.56 -14.70 0.30
N GLY C 174 -36.64 -15.16 -0.95
CA GLY C 174 -36.78 -16.58 -1.25
C GLY C 174 -37.06 -16.85 -2.72
N TYR C 175 -38.04 -17.73 -2.95
CA TYR C 175 -38.44 -18.10 -4.30
C TYR C 175 -39.95 -18.26 -4.31
N GLN C 176 -40.64 -17.35 -4.98
CA GLN C 176 -42.10 -17.39 -5.05
C GLN C 176 -42.58 -17.19 -6.48
N PRO C 177 -42.86 -18.31 -7.17
CA PRO C 177 -43.41 -18.25 -8.52
C PRO C 177 -44.72 -17.49 -8.53
N LEU C 178 -44.92 -16.68 -9.57
CA LEU C 178 -46.18 -15.98 -9.74
C LEU C 178 -47.18 -16.96 -10.34
N PRO C 179 -48.46 -16.85 -9.96
CA PRO C 179 -49.54 -17.59 -10.64
C PRO C 179 -49.67 -17.20 -12.11
N GLU C 180 -50.33 -18.05 -12.90
CA GLU C 180 -50.56 -17.77 -14.32
C GLU C 180 -51.63 -16.70 -14.51
N GLY C 181 -52.75 -16.84 -13.79
CA GLY C 181 -53.85 -15.88 -13.84
C GLY C 181 -54.78 -15.99 -12.66
N ASP D 7 21.19 39.38 12.46
CA ASP D 7 21.35 37.99 12.97
C ASP D 7 21.11 36.94 11.90
N ASN D 8 22.18 36.54 11.22
CA ASN D 8 22.08 35.59 10.14
C ASN D 8 21.99 34.15 10.61
N LYS D 9 21.29 33.35 9.83
CA LYS D 9 21.11 31.93 10.10
C LYS D 9 21.54 31.13 8.87
N LEU D 10 22.10 29.96 9.11
CA LEU D 10 22.40 29.01 8.04
C LEU D 10 21.22 28.05 7.88
N PHE D 11 20.70 27.98 6.65
CA PHE D 11 19.61 27.06 6.32
C PHE D 11 20.05 26.01 5.33
N LEU D 12 19.73 24.75 5.65
CA LEU D 12 19.80 23.67 4.69
C LEU D 12 18.39 23.58 4.12
N VAL D 13 18.26 23.74 2.80
CA VAL D 13 16.96 23.80 2.15
C VAL D 13 16.83 22.75 1.05
N TYR D 14 15.72 22.01 1.06
CA TYR D 14 15.43 20.98 0.08
C TYR D 14 14.40 21.57 -0.87
N VAL D 15 14.79 21.74 -2.14
CA VAL D 15 13.90 22.38 -3.11
C VAL D 15 13.53 21.44 -4.23
N GLY D 16 12.41 21.74 -4.88
CA GLY D 16 11.94 20.92 -5.98
C GLY D 16 11.45 21.77 -7.12
N GLY D 17 11.52 21.20 -8.32
CA GLY D 17 11.09 21.88 -9.54
C GLY D 17 11.40 21.00 -10.73
N THR D 18 11.33 21.57 -11.92
CA THR D 18 11.60 20.79 -13.12
C THR D 18 12.83 21.31 -13.90
N ALA D 19 13.14 20.64 -15.00
CA ALA D 19 14.28 20.99 -15.85
C ALA D 19 13.97 20.54 -17.27
N PRO D 20 14.56 21.21 -18.29
CA PRO D 20 14.19 20.88 -19.67
C PRO D 20 14.62 19.47 -20.05
N GLY D 21 13.65 18.66 -20.46
CA GLY D 21 13.92 17.29 -20.89
C GLY D 21 13.64 16.23 -19.82
N ALA D 22 13.45 16.66 -18.57
CA ALA D 22 13.17 15.72 -17.48
C ALA D 22 11.69 15.37 -17.44
N ASN D 23 11.36 14.12 -17.11
CA ASN D 23 9.97 13.68 -17.03
C ASN D 23 9.34 13.88 -15.67
N ILE D 24 10.15 13.86 -14.62
CA ILE D 24 9.64 14.07 -13.27
C ILE D 24 10.31 15.24 -12.55
N GLU D 25 9.70 15.64 -11.45
CA GLU D 25 10.21 16.69 -10.58
C GLU D 25 11.55 16.26 -10.00
N LEU D 26 12.53 17.17 -10.06
CA LEU D 26 13.85 16.93 -9.49
C LEU D 26 13.99 17.70 -8.19
N HIS D 27 15.00 17.35 -7.39
CA HIS D 27 15.20 17.96 -6.08
C HIS D 27 16.67 18.20 -5.79
N ASP D 28 16.97 19.32 -5.15
CA ASP D 28 18.35 19.61 -4.75
C ASP D 28 18.40 20.10 -3.29
N ILE D 29 19.57 19.95 -2.67
CA ILE D 29 19.87 20.55 -1.39
C ILE D 29 20.67 21.82 -1.61
N ARG D 30 20.20 22.93 -1.04
CA ARG D 30 20.93 24.20 -1.10
C ARG D 30 21.25 24.69 0.30
N PHE D 31 22.42 25.31 0.45
CA PHE D 31 22.81 25.96 1.68
C PHE D 31 22.67 27.46 1.46
N VAL D 32 21.88 28.11 2.30
CA VAL D 32 21.65 29.55 2.18
C VAL D 32 21.82 30.25 3.52
N VAL D 33 22.04 31.56 3.48
CA VAL D 33 22.26 32.37 4.68
C VAL D 33 21.38 33.61 4.62
N GLY D 34 20.63 33.83 5.71
CA GLY D 34 19.79 35.02 5.84
C GLY D 34 19.25 35.16 7.26
N PRO D 35 18.66 36.33 7.58
CA PRO D 35 18.01 36.54 8.87
C PRO D 35 16.66 35.80 8.99
N SER D 36 16.06 35.48 7.86
CA SER D 36 14.80 34.73 7.81
C SER D 36 14.76 33.93 6.51
N GLU D 38 12.43 33.79 4.10
CA GLU D 38 11.98 34.61 2.97
C GLU D 38 13.09 35.47 2.36
N GLU D 39 14.02 35.92 3.18
CA GLU D 39 15.17 36.68 2.70
C GLU D 39 16.21 35.84 1.95
N THR D 40 16.09 34.51 2.04
CA THR D 40 17.00 33.59 1.32
C THR D 40 16.51 33.19 -0.08
N TYR D 41 15.32 33.64 -0.46
CA TYR D 41 14.74 33.28 -1.77
C TYR D 41 15.58 33.64 -2.99
N PRO D 42 16.16 34.87 -3.06
CA PRO D 42 17.06 35.15 -4.18
C PRO D 42 18.22 34.16 -4.32
N ALA D 43 18.84 33.77 -3.21
CA ALA D 43 19.94 32.81 -3.24
C ALA D 43 19.50 31.40 -3.62
N ILE D 44 18.26 31.04 -3.27
CA ILE D 44 17.70 29.75 -3.67
C ILE D 44 17.50 29.70 -5.18
N ARG D 45 16.92 30.77 -5.73
CA ARG D 45 16.64 30.84 -7.17
CA ARG D 45 16.64 30.82 -7.17
C ARG D 45 17.91 30.80 -8.02
N LYS D 46 18.92 31.53 -7.61
CA LYS D 46 20.17 31.54 -8.38
C LYS D 46 21.02 30.29 -8.20
N GLY D 47 20.84 29.59 -7.07
CA GLY D 47 21.52 28.31 -6.83
C GLY D 47 20.84 27.15 -7.53
N TRP D 48 19.55 27.31 -7.83
CA TRP D 48 18.77 26.30 -8.52
C TRP D 48 19.22 26.12 -9.95
N PHE D 49 19.60 24.89 -10.30
CA PHE D 49 20.11 24.57 -11.63
C PHE D 49 19.03 24.56 -12.72
N GLY D 50 17.78 24.27 -12.35
CA GLY D 50 16.75 23.93 -13.33
C GLY D 50 15.88 25.09 -13.77
N THR D 51 14.68 24.74 -14.21
CA THR D 51 13.65 25.68 -14.64
C THR D 51 13.11 26.46 -13.44
N GLN D 52 13.01 27.77 -13.60
CA GLN D 52 12.63 28.67 -12.52
C GLN D 52 11.13 28.65 -12.21
N LYS D 53 10.30 28.57 -13.24
CA LYS D 53 8.85 28.53 -13.06
C LYS D 53 8.44 27.30 -12.26
N GLY D 54 7.75 27.54 -11.14
CA GLY D 54 7.21 26.48 -10.30
C GLY D 54 8.17 25.92 -9.27
N LEU D 55 9.31 26.57 -9.09
CA LEU D 55 10.27 26.19 -8.06
C LEU D 55 9.64 26.30 -6.68
N HIS D 56 9.77 25.25 -5.88
CA HIS D 56 9.11 25.19 -4.59
C HIS D 56 10.01 24.64 -3.52
N LEU D 57 9.75 25.09 -2.30
CA LEU D 57 10.40 24.60 -1.10
C LEU D 57 9.68 23.32 -0.70
N ASP D 58 10.44 22.31 -0.29
CA ASP D 58 9.85 21.08 0.20
C ASP D 58 10.13 20.83 1.66
N SER D 59 11.36 21.12 2.09
CA SER D 59 11.70 21.13 3.52
C SER D 59 12.93 22.01 3.77
N PHE D 60 13.13 22.39 5.03
CA PHE D 60 14.34 23.09 5.46
C PHE D 60 14.64 22.88 6.94
N VAL D 61 15.88 23.17 7.32
CA VAL D 61 16.27 23.20 8.74
C VAL D 61 17.28 24.32 8.99
N HIS D 62 17.03 25.11 10.03
CA HIS D 62 18.01 26.06 10.52
C HIS D 62 19.12 25.28 11.24
N LEU D 63 20.27 25.20 10.60
CA LEU D 63 21.46 24.55 11.19
C LEU D 63 22.22 25.49 12.11
N HIS D 64 22.29 25.13 13.39
CA HIS D 64 23.08 25.89 14.37
C HIS D 64 24.14 25.04 15.07
N HIS D 65 24.01 23.72 14.99
CA HIS D 65 24.97 22.81 15.66
C HIS D 65 25.21 21.54 14.88
N VAL D 66 26.46 21.15 14.77
CA VAL D 66 26.83 19.84 14.18
C VAL D 66 27.96 19.23 15.00
N ASP D 67 27.75 18.01 15.49
CA ASP D 67 28.75 17.19 16.21
C ASP D 67 29.44 17.88 17.39
N GLY D 68 28.69 18.69 18.13
CA GLY D 68 29.23 19.44 19.27
C GLY D 68 29.73 20.84 18.95
N TYR D 69 29.63 21.23 17.68
CA TYR D 69 30.16 22.52 17.25
C TYR D 69 29.05 23.53 16.92
N ARG D 70 29.12 24.70 17.55
CA ARG D 70 28.22 25.80 17.20
C ARG D 70 28.67 26.43 15.88
N ILE D 71 27.70 26.76 15.04
CA ILE D 71 27.96 27.37 13.74
C ILE D 71 27.92 28.89 13.86
N HIS D 72 29.02 29.53 13.50
CA HIS D 72 29.06 31.00 13.46
C HIS D 72 29.13 31.48 12.03
N LEU D 73 28.52 32.63 11.78
CA LEU D 73 28.55 33.26 10.46
C LEU D 73 29.17 34.65 10.55
N THR D 74 30.28 34.86 9.87
CA THR D 74 30.98 36.15 9.86
C THR D 74 31.25 36.66 8.45
N SER D 75 31.25 37.97 8.31
CA SER D 75 31.58 38.64 7.04
C SER D 75 33.08 38.64 6.76
N GLU D 76 33.89 38.54 7.80
CA GLU D 76 35.34 38.51 7.67
C GLU D 76 35.96 37.25 8.28
N ALA D 77 37.09 36.81 7.71
CA ALA D 77 37.79 35.61 8.17
C ALA D 77 39.04 35.97 8.95
N PRO D 81 42.41 30.42 8.72
CA PRO D 81 43.18 29.22 9.04
C PRO D 81 42.54 28.40 10.17
N GLU D 82 41.36 27.84 9.89
CA GLU D 82 40.63 27.03 10.87
C GLU D 82 40.94 25.55 10.70
N GLU D 83 41.11 24.86 11.82
CA GLU D 83 41.50 23.44 11.86
C GLU D 83 40.41 22.49 11.34
N LYS D 84 39.17 22.71 11.77
CA LYS D 84 38.05 21.85 11.37
C LYS D 84 36.94 22.61 10.67
N ARG D 85 36.26 21.94 9.73
CA ARG D 85 35.25 22.58 8.89
C ARG D 85 33.99 21.73 8.74
N LEU D 86 32.91 22.39 8.32
CA LEU D 86 31.62 21.75 8.06
C LEU D 86 31.63 21.07 6.67
N TYR D 87 31.18 19.82 6.63
CA TYR D 87 31.17 19.06 5.39
C TYR D 87 29.81 18.45 5.14
N PHE D 88 29.29 18.68 3.94
CA PHE D 88 28.06 18.06 3.49
C PHE D 88 28.42 16.83 2.66
N VAL D 89 27.90 15.67 3.05
CA VAL D 89 28.22 14.41 2.35
C VAL D 89 26.97 13.75 1.77
N ASN D 90 26.96 13.63 0.45
CA ASN D 90 25.84 13.04 -0.29
C ASN D 90 26.10 11.57 -0.62
N PHE D 91 25.25 10.69 -0.10
CA PHE D 91 25.40 9.26 -0.31
C PHE D 91 24.95 8.81 -1.70
N GLY D 92 25.68 7.86 -2.27
CA GLY D 92 25.36 7.29 -3.59
C GLY D 92 25.39 5.78 -3.59
N TYR D 102 15.39 13.18 6.38
CA TYR D 102 16.74 13.29 5.87
C TYR D 102 17.52 12.02 6.16
N HIS D 103 17.84 11.27 5.12
CA HIS D 103 18.47 9.96 5.30
C HIS D 103 19.58 9.69 4.26
N ASP D 104 19.43 10.28 3.08
CA ASP D 104 20.36 10.08 1.97
C ASP D 104 21.59 11.01 1.99
N PHE D 105 21.73 11.77 3.07
CA PHE D 105 22.88 12.66 3.27
C PHE D 105 23.13 12.91 4.76
N THR D 106 24.29 13.52 5.06
CA THR D 106 24.58 13.99 6.40
C THR D 106 25.48 15.23 6.37
N VAL D 107 25.61 15.88 7.52
CA VAL D 107 26.55 16.97 7.71
C VAL D 107 27.45 16.60 8.89
N VAL D 108 28.77 16.63 8.65
CA VAL D 108 29.75 16.30 9.69
C VAL D 108 30.81 17.38 9.83
N VAL D 109 31.58 17.30 10.91
CA VAL D 109 32.72 18.21 11.13
C VAL D 109 34.02 17.40 11.10
N ALA D 110 34.93 17.80 10.21
CA ALA D 110 36.21 17.12 10.03
C ALA D 110 37.27 18.07 9.48
N ASP D 111 38.53 17.61 9.52
CA ASP D 111 39.68 18.41 9.08
C ASP D 111 40.02 18.24 7.60
N SER D 112 39.47 17.20 6.97
CA SER D 112 39.74 16.90 5.57
C SER D 112 38.51 16.24 4.93
N PRO D 113 38.37 16.36 3.59
CA PRO D 113 37.31 15.65 2.86
C PRO D 113 37.35 14.13 3.04
N GLN D 114 38.54 13.56 3.19
CA GLN D 114 38.71 12.12 3.30
C GLN D 114 38.23 11.57 4.65
N SER D 115 38.55 12.30 5.72
CA SER D 115 38.09 11.95 7.07
C SER D 115 36.59 12.20 7.23
N ALA D 116 36.09 13.23 6.54
CA ALA D 116 34.66 13.56 6.50
C ALA D 116 33.83 12.44 5.89
N LYS D 117 34.38 11.81 4.84
CA LYS D 117 33.75 10.66 4.19
C LYS D 117 33.71 9.44 5.11
N GLN D 118 34.79 9.24 5.87
CA GLN D 118 34.89 8.13 6.82
C GLN D 118 33.96 8.27 8.01
N LEU D 119 33.84 9.51 8.50
CA LEU D 119 32.93 9.85 9.60
C LEU D 119 31.46 9.72 9.21
N ALA D 120 31.18 9.97 7.93
CA ALA D 120 29.82 9.85 7.38
C ALA D 120 29.38 8.40 7.25
N ARG D 121 30.33 7.52 6.93
CA ARG D 121 30.06 6.09 6.75
C ARG D 121 29.72 5.40 8.07
N ALA D 122 30.36 5.84 9.15
CA ALA D 122 30.19 5.25 10.47
C ALA D 122 28.84 5.60 11.13
N GLN D 123 28.18 6.63 10.64
CA GLN D 123 26.95 7.14 11.25
C GLN D 123 25.69 6.33 10.94
N PHE D 124 25.76 5.44 9.94
CA PHE D 124 24.63 4.57 9.60
C PHE D 124 24.40 3.49 10.65
N SER D 125 25.45 2.72 10.94
CA SER D 125 25.37 1.62 11.90
C SER D 125 26.62 1.55 12.77
N VAL D 143 31.91 4.79 -2.88
CA VAL D 143 32.36 6.05 -3.48
C VAL D 143 31.23 7.09 -3.43
N ASP D 144 31.42 8.11 -2.59
CA ASP D 144 30.42 9.17 -2.40
C ASP D 144 30.95 10.54 -2.82
N ASP D 145 30.07 11.54 -2.78
CA ASP D 145 30.45 12.92 -3.06
C ASP D 145 30.37 13.79 -1.80
N CYS D 146 31.29 14.75 -1.69
CA CYS D 146 31.49 15.51 -0.47
C CYS D 146 31.72 17.00 -0.74
N LEU D 147 31.00 17.85 0.01
CA LEU D 147 31.08 19.30 -0.18
C LEU D 147 31.46 20.02 1.12
N CYS D 148 32.48 20.87 1.04
CA CYS D 148 32.89 21.72 2.16
C CYS D 148 32.01 22.96 2.25
N VAL D 149 31.32 23.11 3.38
CA VAL D 149 30.45 24.26 3.61
C VAL D 149 31.20 25.33 4.42
N ASP D 150 32.07 26.07 3.75
CA ASP D 150 32.86 27.11 4.42
C ASP D 150 32.46 28.54 4.04
N LEU D 151 31.97 28.70 2.82
CA LEU D 151 31.51 30.00 2.37
C LEU D 151 30.11 29.83 1.80
N VAL D 152 29.16 30.54 2.36
CA VAL D 152 27.76 30.47 1.93
C VAL D 152 27.20 31.86 1.83
N ASP D 153 26.75 32.22 0.62
CA ASP D 153 26.25 33.57 0.29
C ASP D 153 27.15 34.68 0.85
N ASN D 154 28.44 34.50 0.63
CA ASN D 154 29.49 35.44 1.04
C ASN D 154 29.60 35.65 2.56
N HIS D 155 29.31 34.59 3.31
CA HIS D 155 29.52 34.55 4.75
C HIS D 155 30.39 33.36 5.08
N TYR D 156 31.42 33.57 5.90
CA TYR D 156 32.28 32.48 6.36
C TYR D 156 31.59 31.68 7.45
N VAL D 157 31.77 30.37 7.39
CA VAL D 157 31.23 29.44 8.37
C VAL D 157 32.36 28.98 9.28
N THR D 158 32.40 29.54 10.49
CA THR D 158 33.38 29.15 11.48
C THR D 158 32.71 28.37 12.60
N LEU D 159 33.47 27.54 13.29
CA LEU D 159 32.91 26.62 14.27
C LEU D 159 33.46 26.83 15.67
N GLU D 160 32.59 26.73 16.65
CA GLU D 160 32.96 26.78 18.06
C GLU D 160 32.48 25.52 18.77
N PHE D 161 33.40 24.80 19.40
CA PHE D 161 33.00 23.64 20.21
C PHE D 161 32.30 24.08 21.49
N ASP D 162 31.08 23.57 21.69
CA ASP D 162 30.32 23.86 22.91
C ASP D 162 29.58 22.65 23.46
N GLY D 163 29.67 21.53 22.74
CA GLY D 163 29.06 20.28 23.17
C GLY D 163 27.62 20.03 22.78
N GLU D 164 26.90 21.08 22.37
CA GLU D 164 25.47 20.96 22.02
C GLU D 164 25.24 20.09 20.79
N GLN D 165 24.16 19.32 20.81
CA GLN D 165 23.78 18.50 19.65
C GLN D 165 22.54 19.08 18.99
N GLN D 166 22.36 18.75 17.72
CA GLN D 166 21.15 19.12 16.99
C GLN D 166 20.81 17.99 16.04
N PRO D 167 19.59 17.43 16.15
CA PRO D 167 19.23 16.34 15.26
C PRO D 167 19.00 16.84 13.82
N LEU D 168 19.57 16.15 12.84
CA LEU D 168 19.43 16.54 11.45
C LEU D 168 18.08 16.11 10.90
N VAL D 169 17.06 16.91 11.20
CA VAL D 169 15.66 16.65 10.81
C VAL D 169 15.02 17.98 10.40
N PRO D 170 13.98 17.95 9.54
CA PRO D 170 13.34 19.19 9.11
C PRO D 170 12.70 20.00 10.24
N ASP D 171 12.88 21.32 10.20
CA ASP D 171 12.07 22.23 10.98
C ASP D 171 10.65 22.21 10.43
N TRP D 172 10.55 22.11 9.11
CA TRP D 172 9.29 22.16 8.39
C TRP D 172 9.40 21.26 7.17
N LYS D 173 8.30 20.62 6.81
CA LYS D 173 8.17 19.93 5.52
C LYS D 173 6.80 20.21 4.91
N GLY D 174 6.73 20.17 3.57
CA GLY D 174 5.48 20.43 2.86
C GLY D 174 5.72 20.89 1.44
N TYR D 175 4.96 21.90 1.03
CA TYR D 175 5.01 22.42 -0.33
C TYR D 175 4.83 23.92 -0.31
N GLN D 176 5.93 24.65 -0.46
CA GLN D 176 5.87 26.12 -0.51
C GLN D 176 6.45 26.66 -1.81
N PRO D 177 5.59 27.06 -2.75
CA PRO D 177 6.06 27.74 -3.96
C PRO D 177 6.78 29.03 -3.63
N LEU D 178 7.91 29.25 -4.27
CA LEU D 178 8.62 30.52 -4.16
C LEU D 178 7.88 31.54 -5.02
N PRO D 179 7.89 32.82 -4.60
CA PRO D 179 7.28 33.88 -5.42
C PRO D 179 8.10 34.17 -6.66
N GLU D 180 7.53 34.92 -7.60
CA GLU D 180 8.22 35.22 -8.86
C GLU D 180 8.96 36.55 -8.79
N ASP E 7 12.22 -8.96 -31.01
CA ASP E 7 11.03 -8.63 -30.18
C ASP E 7 11.30 -7.45 -29.26
N ASN E 8 10.67 -6.32 -29.55
CA ASN E 8 10.88 -5.11 -28.79
C ASN E 8 10.06 -5.07 -27.49
N LYS E 9 10.70 -4.60 -26.43
CA LYS E 9 10.08 -4.46 -25.13
C LYS E 9 10.03 -2.99 -24.72
N LEU E 10 9.00 -2.61 -23.97
CA LEU E 10 8.94 -1.29 -23.36
C LEU E 10 9.47 -1.36 -21.92
N PHE E 11 10.45 -0.52 -21.62
CA PHE E 11 11.00 -0.45 -20.27
C PHE E 11 10.74 0.91 -19.65
N LEU E 12 10.30 0.91 -18.40
CA LEU E 12 10.34 2.10 -17.58
C LEU E 12 11.62 2.00 -16.76
N VAL E 13 12.47 3.02 -16.89
CA VAL E 13 13.80 3.00 -16.29
C VAL E 13 13.99 4.18 -15.35
N TYR E 14 14.52 3.90 -14.16
CA TYR E 14 14.84 4.91 -13.16
C TYR E 14 16.35 5.12 -13.17
N VAL E 15 16.75 6.35 -13.50
CA VAL E 15 18.14 6.64 -13.80
C VAL E 15 18.61 7.73 -12.88
N GLY E 16 19.89 7.70 -12.53
CA GLY E 16 20.45 8.67 -11.63
C GLY E 16 21.78 9.20 -12.10
N GLY E 17 22.04 10.45 -11.72
CA GLY E 17 23.31 11.08 -12.02
C GLY E 17 23.34 12.49 -11.50
N THR E 18 24.20 13.30 -12.08
CA THR E 18 24.33 14.67 -11.64
C THR E 18 24.01 15.69 -12.74
N ALA E 19 23.95 16.96 -12.36
CA ALA E 19 23.80 18.07 -13.31
C ALA E 19 24.58 19.27 -12.78
N PRO E 20 25.10 20.13 -13.68
CA PRO E 20 26.00 21.20 -13.19
C PRO E 20 25.30 22.15 -12.22
N GLY E 21 25.93 22.34 -11.05
CA GLY E 21 25.38 23.19 -10.01
C GLY E 21 24.62 22.47 -8.90
N ALA E 22 24.13 21.27 -9.18
CA ALA E 22 23.35 20.55 -8.18
C ALA E 22 24.27 19.96 -7.13
N ASN E 23 23.85 20.00 -5.87
CA ASN E 23 24.67 19.46 -4.79
C ASN E 23 24.47 17.97 -4.53
N ILE E 24 23.29 17.45 -4.86
CA ILE E 24 23.02 16.02 -4.71
C ILE E 24 22.70 15.36 -6.04
N GLU E 25 22.68 14.03 -6.00
CA GLU E 25 22.33 13.20 -7.14
C GLU E 25 20.88 13.44 -7.52
N LEU E 26 20.61 13.44 -8.82
CA LEU E 26 19.26 13.64 -9.34
C LEU E 26 18.76 12.37 -10.03
N HIS E 27 17.45 12.30 -10.24
CA HIS E 27 16.85 11.11 -10.82
C HIS E 27 15.75 11.45 -11.79
N ASP E 28 15.65 10.67 -12.87
CA ASP E 28 14.54 10.79 -13.77
C ASP E 28 14.02 9.41 -14.15
N ILE E 29 12.79 9.37 -14.65
CA ILE E 29 12.16 8.19 -15.20
C ILE E 29 12.14 8.32 -16.71
N ARG E 30 12.71 7.35 -17.41
CA ARG E 30 12.65 7.33 -18.87
C ARG E 30 11.89 6.11 -19.35
N PHE E 31 11.18 6.27 -20.46
CA PHE E 31 10.59 5.16 -21.18
C PHE E 31 11.43 4.91 -22.40
N VAL E 32 11.84 3.65 -22.58
CA VAL E 32 12.72 3.27 -23.69
C VAL E 32 12.24 1.98 -24.31
N VAL E 33 12.53 1.80 -25.60
CA VAL E 33 12.13 0.62 -26.35
C VAL E 33 13.35 -0.09 -26.95
N GLY E 34 13.47 -1.38 -26.68
CA GLY E 34 14.57 -2.20 -27.18
C GLY E 34 14.28 -3.67 -27.02
N PRO E 35 15.05 -4.52 -27.71
CA PRO E 35 14.92 -5.98 -27.53
C PRO E 35 15.55 -6.48 -26.23
N SER E 36 16.40 -5.66 -25.63
CA SER E 36 17.07 -5.96 -24.37
C SER E 36 17.46 -4.64 -23.72
N GLU E 38 20.45 -3.52 -22.55
CA GLU E 38 21.71 -2.97 -23.05
C GLU E 38 21.56 -2.22 -24.37
N GLU E 39 20.59 -2.62 -25.18
CA GLU E 39 20.30 -1.93 -26.42
C GLU E 39 19.52 -0.62 -26.24
N THR E 40 19.05 -0.36 -25.02
CA THR E 40 18.36 0.90 -24.72
C THR E 40 19.29 2.00 -24.21
N TYR E 41 20.55 1.67 -23.94
CA TYR E 41 21.51 2.63 -23.36
C TYR E 41 21.70 3.98 -24.09
N PRO E 42 21.84 3.97 -25.45
CA PRO E 42 21.93 5.25 -26.16
C PRO E 42 20.72 6.16 -25.98
N ALA E 43 19.53 5.57 -25.96
CA ALA E 43 18.29 6.34 -25.80
C ALA E 43 18.11 6.86 -24.37
N ILE E 44 18.72 6.17 -23.40
CA ILE E 44 18.69 6.63 -22.02
C ILE E 44 19.57 7.86 -21.91
N ARG E 45 20.80 7.73 -22.42
CA ARG E 45 21.76 8.85 -22.44
C ARG E 45 21.21 10.09 -23.16
N LYS E 46 20.57 9.87 -24.30
CA LYS E 46 20.00 10.92 -25.14
C LYS E 46 18.86 11.65 -24.44
N GLY E 47 18.11 10.93 -23.61
CA GLY E 47 16.97 11.50 -22.89
C GLY E 47 17.34 12.12 -21.56
N TRP E 48 18.53 11.81 -21.04
CA TRP E 48 19.02 12.37 -19.78
C TRP E 48 19.31 13.88 -19.87
N PHE E 49 18.76 14.64 -18.94
CA PHE E 49 18.83 16.11 -18.98
C PHE E 49 20.17 16.67 -18.52
N GLY E 50 20.87 15.91 -17.69
CA GLY E 50 22.03 16.44 -16.97
C GLY E 50 23.36 15.96 -17.53
N THR E 51 24.33 15.81 -16.64
CA THR E 51 25.68 15.40 -17.00
C THR E 51 25.70 13.94 -17.38
N GLN E 52 26.37 13.64 -18.48
CA GLN E 52 26.54 12.28 -18.98
C GLN E 52 27.50 11.42 -18.16
N LYS E 53 28.55 12.03 -17.62
CA LYS E 53 29.56 11.29 -16.86
C LYS E 53 29.01 10.79 -15.51
N GLY E 54 29.07 9.47 -15.34
CA GLY E 54 28.63 8.83 -14.11
C GLY E 54 27.15 8.45 -14.08
N LEU E 55 26.48 8.55 -15.23
CA LEU E 55 25.06 8.19 -15.36
C LEU E 55 24.85 6.70 -15.04
N HIS E 56 23.82 6.40 -14.24
CA HIS E 56 23.63 5.04 -13.76
C HIS E 56 22.19 4.61 -13.62
N LEU E 57 21.95 3.33 -13.87
CA LEU E 57 20.66 2.69 -13.74
C LEU E 57 20.43 2.33 -12.27
N ASP E 58 19.33 2.82 -11.70
CA ASP E 58 19.00 2.47 -10.31
C ASP E 58 17.94 1.40 -10.18
N SER E 59 16.96 1.41 -11.11
CA SER E 59 15.96 0.35 -11.24
C SER E 59 15.27 0.42 -12.61
N PHE E 60 14.63 -0.67 -13.02
CA PHE E 60 13.79 -0.70 -14.22
C PHE E 60 12.69 -1.75 -14.13
N VAL E 61 11.68 -1.63 -14.99
CA VAL E 61 10.67 -2.67 -15.17
C VAL E 61 10.31 -2.81 -16.64
N HIS E 62 10.26 -4.06 -17.12
CA HIS E 62 9.72 -4.34 -18.44
C HIS E 62 8.19 -4.30 -18.33
N LEU E 63 7.58 -3.32 -19.02
CA LEU E 63 6.14 -3.10 -18.97
C LEU E 63 5.42 -3.77 -20.12
N HIS E 64 4.66 -4.83 -19.82
CA HIS E 64 3.89 -5.53 -20.86
C HIS E 64 2.38 -5.43 -20.66
N HIS E 65 1.95 -5.15 -19.44
CA HIS E 65 0.52 -5.00 -19.13
C HIS E 65 0.25 -3.86 -18.19
N VAL E 66 -0.83 -3.13 -18.45
CA VAL E 66 -1.33 -2.08 -17.55
C VAL E 66 -2.86 -2.12 -17.56
N ASP E 67 -3.47 -2.25 -16.37
CA ASP E 67 -4.92 -2.20 -16.17
C ASP E 67 -5.74 -3.14 -17.08
N GLY E 68 -5.22 -4.34 -17.33
CA GLY E 68 -5.89 -5.30 -18.18
C GLY E 68 -5.54 -5.21 -19.67
N TYR E 69 -4.68 -4.27 -20.04
CA TYR E 69 -4.34 -4.07 -21.44
C TYR E 69 -2.92 -4.52 -21.77
N ARG E 70 -2.79 -5.35 -22.80
CA ARG E 70 -1.48 -5.74 -23.33
C ARG E 70 -0.87 -4.60 -24.14
N ILE E 71 0.45 -4.42 -23.98
CA ILE E 71 1.16 -3.37 -24.66
C ILE E 71 1.78 -3.92 -25.94
N HIS E 72 1.44 -3.30 -27.06
CA HIS E 72 1.98 -3.68 -28.36
C HIS E 72 2.85 -2.55 -28.91
N LEU E 73 3.94 -2.91 -29.55
CA LEU E 73 4.88 -1.96 -30.12
C LEU E 73 5.06 -2.19 -31.63
N THR E 74 4.72 -1.18 -32.42
CA THR E 74 4.89 -1.25 -33.89
C THR E 74 5.55 0.00 -34.46
N SER E 75 6.25 -0.17 -35.58
CA SER E 75 6.86 0.94 -36.31
C SER E 75 5.79 1.84 -36.96
N GLU E 76 4.76 1.22 -37.51
CA GLU E 76 3.69 1.92 -38.23
C GLU E 76 2.57 2.36 -37.29
N ALA E 77 1.96 3.50 -37.60
CA ALA E 77 0.84 4.02 -36.81
C ALA E 77 -0.51 3.70 -37.45
N PRO E 81 -5.11 5.93 -34.93
CA PRO E 81 -6.55 5.91 -34.67
C PRO E 81 -6.90 5.03 -33.46
N GLU E 82 -6.78 5.60 -32.26
CA GLU E 82 -6.98 4.83 -31.02
C GLU E 82 -7.58 5.68 -29.90
N GLU E 83 -8.59 5.14 -29.25
CA GLU E 83 -9.31 5.85 -28.18
C GLU E 83 -8.59 5.84 -26.83
N LYS E 84 -7.98 4.71 -26.47
CA LYS E 84 -7.30 4.56 -25.17
C LYS E 84 -5.78 4.61 -25.32
N ARG E 85 -5.12 5.31 -24.40
CA ARG E 85 -3.66 5.43 -24.38
C ARG E 85 -3.06 5.20 -22.99
N LEU E 86 -1.76 4.89 -22.97
CA LEU E 86 -0.97 4.83 -21.73
C LEU E 86 -0.66 6.22 -21.21
N TYR E 87 -0.89 6.42 -19.92
CA TYR E 87 -0.50 7.67 -19.27
C TYR E 87 0.36 7.43 -18.03
N PHE E 88 1.54 8.04 -18.04
CA PHE E 88 2.42 8.07 -16.88
C PHE E 88 2.03 9.29 -16.03
N VAL E 89 1.73 9.05 -14.75
CA VAL E 89 1.34 10.13 -13.84
C VAL E 89 2.28 10.23 -12.64
N ASN E 90 2.99 11.35 -12.54
CA ASN E 90 3.90 11.64 -11.43
C ASN E 90 3.26 12.56 -10.40
N PHE E 91 3.28 12.14 -9.14
CA PHE E 91 2.68 12.90 -8.05
C PHE E 91 3.60 14.00 -7.51
N GLU E 101 10.99 0.63 -4.72
CA GLU E 101 9.67 1.15 -4.40
C GLU E 101 9.18 2.16 -5.44
N TYR E 102 8.05 1.84 -6.06
CA TYR E 102 7.43 2.73 -7.04
C TYR E 102 6.14 3.33 -6.46
N HIS E 103 6.32 4.30 -5.57
CA HIS E 103 5.20 4.87 -4.81
C HIS E 103 4.76 6.26 -5.32
N ASP E 104 5.73 7.05 -5.78
CA ASP E 104 5.47 8.45 -6.15
C ASP E 104 4.86 8.65 -7.54
N PHE E 105 4.59 7.56 -8.24
CA PHE E 105 4.02 7.61 -9.59
C PHE E 105 3.21 6.36 -9.91
N THR E 106 2.41 6.44 -10.98
CA THR E 106 1.73 5.26 -11.54
C THR E 106 1.62 5.32 -13.06
N VAL E 107 1.25 4.19 -13.67
CA VAL E 107 0.91 4.14 -15.10
C VAL E 107 -0.51 3.62 -15.24
N VAL E 108 -1.35 4.34 -15.98
CA VAL E 108 -2.76 3.99 -16.15
C VAL E 108 -3.18 4.05 -17.62
N VAL E 109 -4.31 3.41 -17.93
CA VAL E 109 -4.87 3.47 -19.28
C VAL E 109 -6.11 4.36 -19.28
N ALA E 110 -6.10 5.38 -20.14
CA ALA E 110 -7.21 6.33 -20.22
C ALA E 110 -7.39 6.93 -21.61
N ASP E 111 -8.46 7.70 -21.79
CA ASP E 111 -8.78 8.34 -23.07
C ASP E 111 -8.38 9.81 -23.14
N SER E 112 -8.23 10.44 -21.98
CA SER E 112 -7.83 11.83 -21.88
C SER E 112 -6.88 12.00 -20.69
N PRO E 113 -5.96 12.99 -20.74
CA PRO E 113 -5.10 13.33 -19.61
C PRO E 113 -5.86 13.64 -18.30
N GLN E 114 -7.04 14.24 -18.42
CA GLN E 114 -7.86 14.61 -17.26
C GLN E 114 -8.45 13.39 -16.56
N SER E 115 -8.91 12.41 -17.36
CA SER E 115 -9.44 11.16 -16.82
C SER E 115 -8.31 10.25 -16.31
N ALA E 116 -7.11 10.44 -16.86
CA ALA E 116 -5.91 9.75 -16.41
C ALA E 116 -5.50 10.20 -15.01
N LYS E 117 -5.59 11.51 -14.77
CA LYS E 117 -5.27 12.11 -13.48
C LYS E 117 -6.26 11.66 -12.40
N GLN E 118 -7.54 11.59 -12.77
CA GLN E 118 -8.60 11.14 -11.87
C GLN E 118 -8.42 9.68 -11.48
N LEU E 119 -8.07 8.85 -12.46
CA LEU E 119 -7.77 7.43 -12.23
C LEU E 119 -6.55 7.21 -11.35
N ALA E 120 -5.55 8.08 -11.50
CA ALA E 120 -4.32 8.00 -10.72
C ALA E 120 -4.52 8.38 -9.25
N ARG E 121 -5.37 9.37 -9.01
CA ARG E 121 -5.71 9.82 -7.65
C ARG E 121 -6.47 8.76 -6.86
N ALA E 122 -7.31 7.99 -7.56
CA ALA E 122 -8.14 6.96 -6.94
C ALA E 122 -7.37 5.72 -6.47
N GLN E 123 -6.17 5.53 -7.01
CA GLN E 123 -5.38 4.32 -6.75
C GLN E 123 -4.65 4.30 -5.41
N PHE E 124 -4.59 5.44 -4.72
CA PHE E 124 -3.94 5.52 -3.41
C PHE E 124 -4.73 4.79 -2.32
N SER E 125 -6.01 5.13 -2.19
CA SER E 125 -6.89 4.48 -1.22
C SER E 125 -8.32 4.41 -1.75
N VAL E 143 -2.78 19.18 -7.78
CA VAL E 143 -2.27 19.53 -9.11
C VAL E 143 -1.02 18.69 -9.43
N ASP E 144 -1.20 17.72 -10.33
CA ASP E 144 -0.13 16.80 -10.75
C ASP E 144 0.28 17.03 -12.21
N ASP E 145 1.31 16.30 -12.64
CA ASP E 145 1.77 16.33 -14.03
C ASP E 145 1.78 14.93 -14.64
N CYS E 146 1.17 14.81 -15.82
CA CYS E 146 1.08 13.51 -16.48
C CYS E 146 1.60 13.53 -17.93
N LEU E 147 2.07 12.38 -18.39
CA LEU E 147 2.69 12.24 -19.70
C LEU E 147 2.07 11.08 -20.50
N CYS E 148 1.69 11.36 -21.74
CA CYS E 148 1.18 10.31 -22.62
C CYS E 148 2.32 9.49 -23.22
N VAL E 149 2.24 8.18 -23.04
CA VAL E 149 3.26 7.26 -23.52
C VAL E 149 2.72 6.53 -24.75
N ASP E 150 2.83 7.19 -25.91
CA ASP E 150 2.27 6.66 -27.16
C ASP E 150 3.32 6.48 -28.26
N LEU E 151 4.38 7.28 -28.19
CA LEU E 151 5.50 7.18 -29.11
C LEU E 151 6.77 7.14 -28.28
N VAL E 152 7.52 6.06 -28.39
CA VAL E 152 8.73 5.86 -27.61
C VAL E 152 9.82 5.28 -28.49
N ASP E 153 10.92 6.01 -28.65
CA ASP E 153 12.06 5.61 -29.50
C ASP E 153 11.61 5.11 -30.88
N ASN E 154 10.82 5.94 -31.57
CA ASN E 154 10.27 5.62 -32.90
C ASN E 154 9.34 4.39 -32.96
N HIS E 155 8.77 4.01 -31.82
CA HIS E 155 7.82 2.91 -31.76
C HIS E 155 6.50 3.39 -31.19
N TYR E 156 5.41 3.02 -31.86
CA TYR E 156 4.07 3.40 -31.43
C TYR E 156 3.51 2.38 -30.46
N VAL E 157 2.85 2.89 -29.42
CA VAL E 157 2.28 2.07 -28.37
C VAL E 157 0.80 1.89 -28.65
N THR E 158 0.39 0.64 -28.86
CA THR E 158 -1.05 0.31 -28.93
C THR E 158 -1.43 -0.70 -27.86
N LEU E 159 -2.70 -0.65 -27.46
CA LEU E 159 -3.20 -1.45 -26.34
C LEU E 159 -4.28 -2.42 -26.76
N GLU E 160 -4.20 -3.64 -26.24
CA GLU E 160 -5.20 -4.68 -26.48
C GLU E 160 -5.69 -5.20 -25.13
N PHE E 161 -7.00 -5.15 -24.91
CA PHE E 161 -7.56 -5.68 -23.67
C PHE E 161 -7.49 -7.21 -23.65
N ASP E 162 -6.83 -7.77 -22.63
CA ASP E 162 -6.81 -9.23 -22.44
C ASP E 162 -7.02 -9.68 -21.00
N GLY E 163 -7.19 -8.71 -20.11
CA GLY E 163 -7.51 -9.00 -18.72
C GLY E 163 -6.34 -9.27 -17.78
N GLU E 164 -5.13 -9.40 -18.31
CA GLU E 164 -3.93 -9.64 -17.48
C GLU E 164 -3.49 -8.42 -16.69
N GLN E 165 -3.12 -8.65 -15.44
CA GLN E 165 -2.59 -7.60 -14.57
C GLN E 165 -1.07 -7.73 -14.46
N GLN E 166 -0.41 -6.60 -14.20
CA GLN E 166 1.02 -6.59 -13.91
C GLN E 166 1.29 -5.58 -12.78
N PRO E 167 1.94 -6.04 -11.69
CA PRO E 167 2.26 -5.13 -10.59
C PRO E 167 3.39 -4.16 -10.98
N LEU E 168 3.21 -2.88 -10.62
CA LEU E 168 4.19 -1.85 -10.96
C LEU E 168 5.34 -1.86 -9.94
N VAL E 169 6.20 -2.86 -10.07
CA VAL E 169 7.36 -3.02 -9.20
C VAL E 169 8.58 -3.34 -10.09
N PRO E 170 9.80 -2.94 -9.66
CA PRO E 170 10.99 -3.18 -10.46
C PRO E 170 11.28 -4.66 -10.72
N ASP E 171 11.82 -4.97 -11.91
CA ASP E 171 12.42 -6.28 -12.19
C ASP E 171 13.74 -6.41 -11.44
N TRP E 172 14.35 -5.27 -11.16
CA TRP E 172 15.71 -5.19 -10.62
C TRP E 172 15.89 -3.81 -10.00
N LYS E 173 16.65 -3.76 -8.91
CA LYS E 173 17.10 -2.48 -8.35
C LYS E 173 18.55 -2.63 -7.89
N GLY E 174 19.29 -1.53 -7.91
CA GLY E 174 20.70 -1.55 -7.54
C GLY E 174 21.43 -0.35 -8.09
N TYR E 175 22.67 -0.57 -8.53
CA TYR E 175 23.51 0.50 -9.04
C TYR E 175 24.27 0.00 -10.26
N GLN E 176 23.83 0.41 -11.45
CA GLN E 176 24.47 -0.02 -12.68
C GLN E 176 24.90 1.16 -13.55
N PRO E 177 26.21 1.49 -13.51
CA PRO E 177 26.81 2.50 -14.39
C PRO E 177 26.59 2.18 -15.86
N LEU E 178 26.16 3.20 -16.60
CA LEU E 178 26.04 3.11 -18.04
C LEU E 178 27.42 3.22 -18.68
N PRO E 179 27.72 2.36 -19.66
CA PRO E 179 28.93 2.53 -20.46
C PRO E 179 28.80 3.73 -21.37
N GLU E 180 29.94 4.32 -21.74
CA GLU E 180 29.91 5.51 -22.59
C GLU E 180 30.07 5.21 -24.09
N GLY E 181 29.71 4.00 -24.49
CA GLY E 181 29.70 3.61 -25.89
C GLY E 181 28.52 4.22 -26.64
N ASP F 7 56.64 -37.88 27.62
CA ASP F 7 55.21 -38.30 27.61
C ASP F 7 54.54 -37.96 26.29
N ASN F 8 54.51 -38.93 25.40
CA ASN F 8 53.93 -38.77 24.07
C ASN F 8 52.41 -38.79 24.10
N LYS F 9 51.82 -37.99 23.21
CA LYS F 9 50.37 -37.87 23.10
C LYS F 9 49.93 -38.19 21.67
N LEU F 10 48.75 -38.76 21.51
CA LEU F 10 48.19 -39.01 20.18
C LEU F 10 47.24 -37.88 19.77
N PHE F 11 47.55 -37.23 18.67
CA PHE F 11 46.70 -36.15 18.16
C PHE F 11 46.01 -36.54 16.86
N LEU F 12 44.72 -36.27 16.79
CA LEU F 12 44.00 -36.32 15.54
C LEU F 12 43.98 -34.88 15.10
N VAL F 13 44.56 -34.60 13.93
CA VAL F 13 44.71 -33.25 13.44
C VAL F 13 43.97 -33.05 12.12
N TYR F 14 43.17 -32.01 12.05
CA TYR F 14 42.48 -31.64 10.83
C TYR F 14 43.25 -30.52 10.16
N VAL F 15 43.71 -30.78 8.94
CA VAL F 15 44.74 -29.95 8.34
C VAL F 15 44.29 -29.51 6.96
N GLY F 16 44.73 -28.31 6.54
CA GLY F 16 44.25 -27.74 5.29
C GLY F 16 45.32 -27.08 4.44
N GLY F 17 45.07 -27.01 3.14
CA GLY F 17 46.00 -26.40 2.19
C GLY F 17 45.60 -26.61 0.74
N THR F 18 46.52 -26.31 -0.17
CA THR F 18 46.27 -26.43 -1.60
C THR F 18 46.95 -27.68 -2.22
N ALA F 19 46.58 -27.97 -3.47
CA ALA F 19 47.24 -29.01 -4.27
C ALA F 19 47.19 -28.57 -5.72
N PRO F 20 48.21 -28.95 -6.52
CA PRO F 20 48.23 -28.54 -7.94
C PRO F 20 47.01 -29.05 -8.69
N GLY F 21 46.35 -28.14 -9.41
CA GLY F 21 45.16 -28.48 -10.18
C GLY F 21 43.85 -28.22 -9.46
N ALA F 22 43.88 -28.15 -8.13
CA ALA F 22 42.68 -27.91 -7.34
C ALA F 22 42.29 -26.43 -7.32
N ASN F 23 40.99 -26.17 -7.41
CA ASN F 23 40.49 -24.80 -7.37
C ASN F 23 40.29 -24.25 -5.96
N ILE F 24 39.92 -25.13 -5.02
CA ILE F 24 39.72 -24.73 -3.63
C ILE F 24 40.70 -25.40 -2.68
N GLU F 25 40.71 -24.91 -1.45
CA GLU F 25 41.50 -25.47 -0.35
C GLU F 25 40.98 -26.86 -0.04
N LEU F 26 41.89 -27.80 0.18
CA LEU F 26 41.54 -29.18 0.52
C LEU F 26 41.87 -29.47 1.98
N HIS F 27 41.28 -30.53 2.52
CA HIS F 27 41.47 -30.87 3.92
C HIS F 27 41.68 -32.36 4.10
N ASP F 28 42.56 -32.72 5.03
CA ASP F 28 42.74 -34.11 5.42
C ASP F 28 42.81 -34.21 6.94
N ILE F 29 42.54 -35.41 7.44
CA ILE F 29 42.72 -35.76 8.84
C ILE F 29 44.01 -36.57 8.97
N ARG F 30 44.91 -36.14 9.82
CA ARG F 30 46.15 -36.88 10.08
C ARG F 30 46.23 -37.32 11.55
N PHE F 31 46.84 -38.48 11.77
CA PHE F 31 47.17 -38.96 13.10
C PHE F 31 48.67 -38.76 13.36
N VAL F 32 49.00 -38.06 14.44
CA VAL F 32 50.40 -37.75 14.77
C VAL F 32 50.67 -37.95 16.25
N VAL F 33 51.93 -38.18 16.58
CA VAL F 33 52.36 -38.48 17.95
C VAL F 33 53.54 -37.60 18.35
N GLY F 34 53.40 -36.93 19.49
CA GLY F 34 54.48 -36.15 20.06
C GLY F 34 54.12 -35.69 21.46
N PRO F 35 55.07 -35.08 22.19
CA PRO F 35 54.86 -34.55 23.54
C PRO F 35 54.07 -33.24 23.54
N SER F 36 54.03 -32.58 22.39
CA SER F 36 53.35 -31.32 22.22
C SER F 36 52.93 -31.21 20.76
N GLU F 38 53.41 -28.65 18.56
CA GLU F 38 54.47 -28.10 17.72
C GLU F 38 55.50 -29.14 17.27
N GLU F 39 55.77 -30.11 18.14
CA GLU F 39 56.70 -31.19 17.82
C GLU F 39 56.15 -32.21 16.81
N THR F 40 54.85 -32.13 16.50
CA THR F 40 54.25 -32.99 15.48
C THR F 40 54.25 -32.37 14.06
N TYR F 41 54.69 -31.12 13.96
CA TYR F 41 54.74 -30.41 12.67
C TYR F 41 55.47 -31.15 11.52
N PRO F 42 56.71 -31.64 11.73
CA PRO F 42 57.35 -32.45 10.66
C PRO F 42 56.50 -33.63 10.17
N ALA F 43 55.85 -34.33 11.09
CA ALA F 43 55.00 -35.46 10.75
C ALA F 43 53.72 -35.04 10.03
N ILE F 44 53.23 -33.84 10.35
CA ILE F 44 52.09 -33.27 9.64
C ILE F 44 52.48 -32.96 8.20
N ARG F 45 53.62 -32.29 8.02
CA ARG F 45 54.13 -31.99 6.68
C ARG F 45 54.35 -33.25 5.84
N LYS F 46 54.88 -34.30 6.45
CA LYS F 46 55.21 -35.50 5.69
C LYS F 46 54.00 -36.37 5.36
N GLY F 47 52.93 -36.20 6.14
CA GLY F 47 51.67 -36.90 5.89
C GLY F 47 50.78 -36.15 4.90
N TRP F 48 50.98 -34.84 4.79
CA TRP F 48 50.21 -34.01 3.86
C TRP F 48 50.55 -34.31 2.40
N PHE F 49 49.51 -34.66 1.63
CA PHE F 49 49.65 -35.06 0.23
C PHE F 49 49.86 -33.87 -0.72
N GLY F 50 49.41 -32.69 -0.33
CA GLY F 50 49.31 -31.56 -1.24
C GLY F 50 50.53 -30.67 -1.30
N THR F 51 50.30 -29.41 -1.64
CA THR F 51 51.34 -28.39 -1.72
C THR F 51 51.75 -28.02 -0.30
N GLN F 52 53.06 -27.98 -0.06
CA GLN F 52 53.58 -27.66 1.27
C GLN F 52 53.40 -26.19 1.66
N LYS F 53 53.55 -25.29 0.70
CA LYS F 53 53.45 -23.85 0.93
C LYS F 53 52.03 -23.47 1.30
N GLY F 54 51.87 -22.88 2.48
CA GLY F 54 50.57 -22.44 2.96
C GLY F 54 49.80 -23.45 3.81
N LEU F 55 50.43 -24.58 4.12
CA LEU F 55 49.79 -25.63 4.93
C LEU F 55 49.41 -25.09 6.30
N HIS F 56 48.18 -25.36 6.72
CA HIS F 56 47.70 -24.83 8.00
C HIS F 56 46.90 -25.83 8.83
N LEU F 57 47.01 -25.68 10.14
CA LEU F 57 46.20 -26.40 11.12
C LEU F 57 44.83 -25.77 11.23
N ASP F 58 43.77 -26.57 11.14
CA ASP F 58 42.38 -26.08 11.26
C ASP F 58 41.69 -26.45 12.57
N SER F 59 41.85 -27.71 13.00
CA SER F 59 41.45 -28.15 14.33
C SER F 59 42.28 -29.37 14.74
N PHE F 60 42.32 -29.67 16.03
CA PHE F 60 42.89 -30.92 16.53
C PHE F 60 42.26 -31.36 17.85
N VAL F 61 42.46 -32.63 18.19
CA VAL F 61 42.14 -33.16 19.52
C VAL F 61 43.22 -34.14 19.99
N HIS F 62 43.69 -33.96 21.22
CA HIS F 62 44.47 -34.99 21.90
C HIS F 62 43.55 -36.15 22.28
N LEU F 63 43.75 -37.30 21.63
CA LEU F 63 42.99 -38.51 21.89
C LEU F 63 43.66 -39.35 22.95
N HIS F 64 42.95 -39.62 24.04
CA HIS F 64 43.47 -40.48 25.12
C HIS F 64 42.51 -41.61 25.51
N HIS F 65 41.24 -41.46 25.14
CA HIS F 65 40.21 -42.45 25.45
C HIS F 65 39.23 -42.63 24.32
N VAL F 66 38.95 -43.89 23.96
CA VAL F 66 37.93 -44.24 22.97
C VAL F 66 37.14 -45.48 23.46
N ASP F 67 35.81 -45.34 23.53
CA ASP F 67 34.87 -46.42 23.93
C ASP F 67 35.25 -47.18 25.21
N GLY F 68 35.74 -46.46 26.21
CA GLY F 68 36.14 -47.05 27.49
C GLY F 68 37.58 -47.54 27.53
N TYR F 69 38.32 -47.31 26.44
CA TYR F 69 39.71 -47.79 26.39
C TYR F 69 40.71 -46.65 26.47
N ARG F 70 41.67 -46.77 27.38
CA ARG F 70 42.79 -45.83 27.45
C ARG F 70 43.80 -46.17 26.37
N ILE F 71 44.30 -45.14 25.69
CA ILE F 71 45.30 -45.29 24.64
C ILE F 71 46.71 -45.17 25.21
N HIS F 72 47.51 -46.21 24.97
CA HIS F 72 48.93 -46.22 25.38
C HIS F 72 49.84 -46.17 24.16
N LEU F 73 50.99 -45.52 24.31
CA LEU F 73 51.95 -45.35 23.20
C LEU F 73 53.35 -45.83 23.58
N THR F 74 53.80 -46.92 22.95
CA THR F 74 55.13 -47.48 23.23
C THR F 74 55.97 -47.63 21.96
N SER F 75 57.29 -47.62 22.12
CA SER F 75 58.21 -47.76 21.00
C SER F 75 58.37 -49.20 20.50
N GLU F 76 58.00 -50.17 21.34
CA GLU F 76 58.08 -51.59 20.99
C GLU F 76 56.72 -52.28 21.08
N ALA F 77 56.60 -53.43 20.41
CA ALA F 77 55.36 -54.19 20.40
C ALA F 77 55.45 -55.43 21.29
N PRO F 81 49.98 -59.68 20.03
CA PRO F 81 49.05 -60.36 20.92
C PRO F 81 47.86 -59.47 21.31
N GLU F 82 47.51 -58.52 20.44
CA GLU F 82 46.48 -57.52 20.71
C GLU F 82 45.14 -57.87 20.05
N GLU F 83 44.11 -58.06 20.89
CA GLU F 83 42.77 -58.44 20.44
C GLU F 83 42.03 -57.29 19.74
N LYS F 84 42.03 -56.12 20.39
CA LYS F 84 41.23 -54.98 19.95
C LYS F 84 42.13 -53.86 19.44
N ARG F 85 41.64 -53.11 18.45
CA ARG F 85 42.43 -52.03 17.85
C ARG F 85 41.60 -50.77 17.60
N LEU F 86 42.28 -49.63 17.50
CA LEU F 86 41.65 -48.37 17.13
C LEU F 86 41.36 -48.34 15.64
N TYR F 87 40.17 -47.89 15.29
CA TYR F 87 39.80 -47.77 13.91
C TYR F 87 39.22 -46.40 13.65
N PHE F 88 39.81 -45.69 12.71
CA PHE F 88 39.25 -44.44 12.22
C PHE F 88 38.36 -44.76 11.03
N VAL F 89 37.09 -44.33 11.09
CA VAL F 89 36.13 -44.59 10.02
C VAL F 89 35.57 -43.30 9.44
N ASN F 90 35.82 -43.06 8.14
CA ASN F 90 35.32 -41.89 7.45
C ASN F 90 34.07 -42.21 6.61
N PHE F 91 33.03 -41.42 6.81
CA PHE F 91 31.76 -41.61 6.10
C PHE F 91 31.77 -40.91 4.73
N GLY F 92 31.10 -41.53 3.76
CA GLY F 92 31.00 -40.98 2.40
C GLY F 92 29.57 -40.93 1.91
N TYR F 102 33.05 -32.10 14.62
CA TYR F 102 33.36 -33.38 13.98
C TYR F 102 32.09 -34.20 13.76
N HIS F 103 31.74 -34.41 12.49
CA HIS F 103 30.46 -35.04 12.13
C HIS F 103 30.60 -36.18 11.12
N ASP F 104 31.52 -36.02 10.16
CA ASP F 104 31.65 -36.95 9.03
C ASP F 104 32.55 -38.16 9.30
N PHE F 105 33.01 -38.31 10.54
CA PHE F 105 33.88 -39.42 10.92
C PHE F 105 33.74 -39.79 12.39
N THR F 106 34.27 -40.97 12.75
CA THR F 106 34.36 -41.40 14.13
C THR F 106 35.55 -42.33 14.36
N VAL F 107 35.96 -42.45 15.62
CA VAL F 107 37.00 -43.40 16.03
C VAL F 107 36.38 -44.41 16.98
N VAL F 108 36.52 -45.70 16.68
CA VAL F 108 35.94 -46.78 17.48
C VAL F 108 36.99 -47.84 17.82
N VAL F 109 36.65 -48.71 18.78
CA VAL F 109 37.50 -49.84 19.14
C VAL F 109 36.81 -51.13 18.69
N ALA F 110 37.52 -51.91 17.87
CA ALA F 110 36.99 -53.16 17.34
C ALA F 110 38.07 -54.22 17.06
N ASP F 111 37.63 -55.45 16.85
CA ASP F 111 38.53 -56.59 16.61
C ASP F 111 38.92 -56.73 15.14
N SER F 112 38.02 -56.29 14.26
CA SER F 112 38.21 -56.39 12.81
C SER F 112 37.76 -55.10 12.12
N PRO F 113 38.27 -54.81 10.91
CA PRO F 113 37.76 -53.69 10.10
C PRO F 113 36.26 -53.76 9.82
N GLN F 114 35.73 -54.96 9.64
CA GLN F 114 34.31 -55.16 9.34
C GLN F 114 33.41 -54.83 10.54
N SER F 115 33.84 -55.24 11.73
CA SER F 115 33.10 -54.94 12.96
C SER F 115 33.23 -53.47 13.35
N ALA F 116 34.31 -52.84 12.90
CA ALA F 116 34.52 -51.40 13.09
C ALA F 116 33.53 -50.58 12.27
N LYS F 117 33.36 -50.97 11.01
CA LYS F 117 32.40 -50.36 10.10
C LYS F 117 30.98 -50.48 10.64
N GLN F 118 30.65 -51.67 11.16
CA GLN F 118 29.35 -51.94 11.76
C GLN F 118 29.08 -51.07 12.99
N LEU F 119 30.08 -50.96 13.87
CA LEU F 119 30.01 -50.13 15.07
C LEU F 119 29.89 -48.64 14.75
N ALA F 120 30.56 -48.22 13.68
CA ALA F 120 30.52 -46.83 13.23
C ALA F 120 29.14 -46.42 12.71
N ARG F 121 28.45 -47.35 12.05
CA ARG F 121 27.11 -47.12 11.51
C ARG F 121 26.06 -46.92 12.61
N ALA F 122 26.26 -47.60 13.74
CA ALA F 122 25.35 -47.52 14.89
C ALA F 122 25.51 -46.23 15.70
N GLN F 123 26.57 -45.47 15.43
CA GLN F 123 26.89 -44.24 16.16
C GLN F 123 25.94 -43.08 15.86
N PHE F 124 25.33 -43.10 14.67
CA PHE F 124 24.47 -42.01 14.21
C PHE F 124 23.13 -41.95 14.96
N SER F 125 22.38 -43.05 14.93
CA SER F 125 21.07 -43.12 15.58
C SER F 125 20.82 -44.50 16.18
N VAL F 143 28.73 -48.04 1.45
CA VAL F 143 30.11 -48.51 1.42
C VAL F 143 31.07 -47.40 1.88
N ASP F 144 31.76 -47.66 2.99
CA ASP F 144 32.67 -46.69 3.60
C ASP F 144 34.13 -47.18 3.61
N ASP F 145 35.04 -46.26 3.89
CA ASP F 145 36.46 -46.59 4.03
C ASP F 145 36.95 -46.31 5.46
N CYS F 146 37.75 -47.25 5.99
CA CYS F 146 38.26 -47.12 7.35
C CYS F 146 39.75 -47.44 7.47
N LEU F 147 40.39 -46.85 8.47
CA LEU F 147 41.82 -46.99 8.69
C LEU F 147 42.13 -47.53 10.09
N CYS F 148 43.08 -48.46 10.17
CA CYS F 148 43.49 -49.02 11.45
C CYS F 148 44.60 -48.20 12.08
N VAL F 149 44.33 -47.63 13.25
CA VAL F 149 45.30 -46.79 13.95
C VAL F 149 46.08 -47.61 14.97
N ASP F 150 47.05 -48.38 14.48
CA ASP F 150 47.87 -49.24 15.34
C ASP F 150 49.33 -48.80 15.36
N LEU F 151 49.78 -48.18 14.28
CA LEU F 151 51.13 -47.66 14.20
C LEU F 151 51.04 -46.22 13.71
N VAL F 152 51.59 -45.30 14.50
CA VAL F 152 51.56 -43.87 14.18
C VAL F 152 52.90 -43.30 14.60
N ASP F 153 53.58 -42.65 13.64
CA ASP F 153 54.91 -42.05 13.83
C ASP F 153 55.89 -42.92 14.61
N ASN F 154 56.01 -44.18 14.18
CA ASN F 154 56.86 -45.18 14.84
C ASN F 154 56.52 -45.55 16.28
N HIS F 155 55.30 -45.22 16.71
CA HIS F 155 54.80 -45.62 18.02
C HIS F 155 53.65 -46.59 17.86
N TYR F 156 53.64 -47.62 18.72
CA TYR F 156 52.60 -48.62 18.69
C TYR F 156 51.46 -48.23 19.63
N VAL F 157 50.24 -48.43 19.17
CA VAL F 157 49.04 -48.13 19.95
C VAL F 157 48.52 -49.42 20.61
N THR F 158 48.54 -49.42 21.95
CA THR F 158 47.89 -50.49 22.73
C THR F 158 46.77 -49.91 23.60
N LEU F 159 45.72 -50.69 23.80
CA LEU F 159 44.53 -50.25 24.51
C LEU F 159 44.35 -50.92 25.86
N GLU F 160 43.98 -50.13 26.86
CA GLU F 160 43.67 -50.65 28.19
C GLU F 160 42.27 -50.20 28.60
N PHE F 161 41.40 -51.16 28.91
CA PHE F 161 40.06 -50.87 29.36
C PHE F 161 40.08 -50.27 30.77
N ASP F 162 39.60 -49.04 30.89
CA ASP F 162 39.49 -48.40 32.20
C ASP F 162 38.14 -47.71 32.41
N GLY F 163 37.28 -47.79 31.39
CA GLY F 163 35.91 -47.29 31.45
C GLY F 163 35.70 -45.81 31.24
N GLU F 164 36.78 -45.06 31.08
CA GLU F 164 36.66 -43.61 30.88
C GLU F 164 36.20 -43.27 29.48
N GLN F 165 35.40 -42.21 29.36
CA GLN F 165 34.91 -41.76 28.07
C GLN F 165 35.59 -40.45 27.69
N GLN F 166 35.60 -40.17 26.39
CA GLN F 166 36.11 -38.90 25.90
C GLN F 166 35.30 -38.55 24.66
N PRO F 167 34.65 -37.37 24.67
CA PRO F 167 33.89 -36.94 23.50
C PRO F 167 34.81 -36.58 22.35
N LEU F 168 34.44 -37.01 21.14
CA LEU F 168 35.24 -36.73 19.96
C LEU F 168 34.89 -35.34 19.44
N VAL F 169 35.41 -34.31 20.12
CA VAL F 169 35.25 -32.91 19.74
C VAL F 169 36.61 -32.17 19.85
N PRO F 170 36.84 -31.14 19.01
CA PRO F 170 38.12 -30.42 19.00
C PRO F 170 38.53 -29.83 20.36
N ASP F 171 39.81 -29.96 20.69
CA ASP F 171 40.44 -29.21 21.77
C ASP F 171 40.53 -27.75 21.36
N TRP F 172 40.73 -27.53 20.07
CA TRP F 172 40.91 -26.21 19.49
C TRP F 172 40.42 -26.24 18.05
N LYS F 173 39.88 -25.13 17.59
CA LYS F 173 39.60 -24.92 16.16
C LYS F 173 39.92 -23.49 15.74
N GLY F 174 40.35 -23.32 14.49
CA GLY F 174 40.70 -22.02 13.95
C GLY F 174 41.56 -22.11 12.70
N TYR F 175 42.62 -21.31 12.66
CA TYR F 175 43.50 -21.23 11.50
C TYR F 175 44.93 -20.96 11.97
N GLN F 176 45.77 -21.99 11.91
CA GLN F 176 47.14 -21.86 12.39
C GLN F 176 48.13 -22.36 11.33
N PRO F 177 48.79 -21.42 10.61
CA PRO F 177 49.77 -21.81 9.60
C PRO F 177 50.94 -22.54 10.21
N LEU F 178 51.42 -23.56 9.52
CA LEU F 178 52.61 -24.28 9.91
C LEU F 178 53.81 -23.44 9.46
N PRO F 179 54.86 -23.35 10.30
CA PRO F 179 56.10 -22.68 9.92
C PRO F 179 56.86 -23.49 8.89
N GLU F 180 57.75 -22.83 8.14
CA GLU F 180 58.48 -23.45 7.05
C GLU F 180 59.44 -24.55 7.52
N GLY F 181 60.13 -24.31 8.64
CA GLY F 181 61.06 -25.29 9.22
C GLY F 181 62.52 -24.93 8.94
N ASP G 7 -4.78 -19.99 -33.11
CA ASP G 7 -5.06 -20.76 -31.87
C ASP G 7 -6.34 -20.29 -31.18
N ASN G 8 -7.48 -20.86 -31.59
CA ASN G 8 -8.77 -20.50 -31.02
C ASN G 8 -8.91 -20.94 -29.56
N LYS G 9 -9.56 -20.06 -28.78
CA LYS G 9 -9.78 -20.30 -27.36
C LYS G 9 -11.28 -20.24 -27.03
N LEU G 10 -11.72 -21.11 -26.14
CA LEU G 10 -13.09 -21.04 -25.63
C LEU G 10 -13.13 -20.13 -24.41
N PHE G 11 -13.99 -19.12 -24.46
CA PHE G 11 -14.17 -18.19 -23.35
C PHE G 11 -15.59 -18.29 -22.79
N LEU G 12 -15.69 -18.41 -21.48
CA LEU G 12 -16.95 -18.20 -20.77
C LEU G 12 -16.95 -16.74 -20.35
N VAL G 13 -17.95 -15.97 -20.79
CA VAL G 13 -17.98 -14.53 -20.53
C VAL G 13 -19.21 -14.11 -19.75
N TYR G 14 -19.00 -13.38 -18.66
CA TYR G 14 -20.10 -12.78 -17.90
C TYR G 14 -20.21 -11.33 -18.37
N VAL G 15 -21.40 -10.97 -18.84
CA VAL G 15 -21.65 -9.77 -19.62
C VAL G 15 -22.75 -8.95 -18.93
N GLY G 16 -22.58 -7.64 -18.87
CA GLY G 16 -23.58 -6.77 -18.26
C GLY G 16 -24.07 -5.69 -19.20
N GLY G 17 -25.32 -5.28 -19.02
CA GLY G 17 -25.93 -4.29 -19.88
C GLY G 17 -27.37 -4.00 -19.51
N THR G 18 -28.10 -3.38 -20.44
CA THR G 18 -29.49 -3.02 -20.21
C THR G 18 -30.44 -3.62 -21.25
N ALA G 19 -31.75 -3.47 -21.00
CA ALA G 19 -32.81 -3.89 -21.91
C ALA G 19 -34.00 -2.97 -21.69
N PRO G 20 -34.81 -2.72 -22.76
CA PRO G 20 -35.98 -1.85 -22.62
C PRO G 20 -36.94 -2.31 -21.52
N GLY G 21 -37.31 -1.37 -20.66
CA GLY G 21 -38.23 -1.65 -19.56
C GLY G 21 -37.54 -1.88 -18.23
N ALA G 22 -36.32 -2.43 -18.27
CA ALA G 22 -35.59 -2.80 -17.07
C ALA G 22 -35.12 -1.58 -16.27
N ASN G 23 -35.08 -1.71 -14.95
CA ASN G 23 -34.62 -0.64 -14.09
C ASN G 23 -33.17 -0.81 -13.64
N ILE G 24 -32.69 -2.04 -13.61
CA ILE G 24 -31.32 -2.31 -13.18
C ILE G 24 -30.52 -2.94 -14.30
N GLU G 25 -29.20 -3.03 -14.10
CA GLU G 25 -28.30 -3.68 -15.04
C GLU G 25 -28.62 -5.17 -15.02
N LEU G 26 -28.53 -5.78 -16.20
CA LEU G 26 -28.81 -7.18 -16.36
C LEU G 26 -27.52 -7.86 -16.74
N HIS G 27 -27.47 -9.18 -16.56
CA HIS G 27 -26.25 -9.95 -16.73
C HIS G 27 -26.55 -11.27 -17.38
N ASP G 28 -25.69 -11.67 -18.31
CA ASP G 28 -25.82 -12.98 -18.94
C ASP G 28 -24.45 -13.62 -19.07
N ILE G 29 -24.44 -14.95 -19.17
CA ILE G 29 -23.23 -15.72 -19.44
C ILE G 29 -23.24 -16.11 -20.92
N ARG G 30 -22.16 -15.78 -21.62
CA ARG G 30 -22.00 -16.17 -23.01
C ARG G 30 -20.80 -17.10 -23.19
N PHE G 31 -20.91 -17.98 -24.18
CA PHE G 31 -19.78 -18.78 -24.62
C PHE G 31 -19.36 -18.26 -25.99
N VAL G 32 -18.06 -17.96 -26.14
CA VAL G 32 -17.53 -17.41 -27.38
C VAL G 32 -16.19 -18.04 -27.72
N VAL G 33 -15.84 -18.00 -29.01
CA VAL G 33 -14.59 -18.58 -29.51
C VAL G 33 -13.82 -17.54 -30.33
N GLY G 34 -12.51 -17.45 -30.06
CA GLY G 34 -11.63 -16.59 -30.80
C GLY G 34 -10.18 -16.79 -30.39
N PRO G 35 -9.24 -16.17 -31.13
CA PRO G 35 -7.84 -16.24 -30.72
C PRO G 35 -7.54 -15.31 -29.53
N SER G 36 -8.42 -14.34 -29.28
CA SER G 36 -8.28 -13.36 -28.21
C SER G 36 -9.66 -12.83 -27.82
N GLU G 38 -10.78 -9.72 -27.62
CA GLU G 38 -11.27 -8.60 -28.43
C GLU G 38 -11.90 -9.06 -29.73
N GLU G 39 -11.40 -10.17 -30.26
CA GLU G 39 -11.98 -10.79 -31.45
C GLU G 39 -13.32 -11.50 -31.21
N THR G 40 -13.74 -11.59 -29.95
CA THR G 40 -15.03 -12.19 -29.63
C THR G 40 -16.14 -11.17 -29.42
N TYR G 41 -15.77 -9.88 -29.47
CA TYR G 41 -16.75 -8.81 -29.25
C TYR G 41 -17.97 -8.83 -30.19
N PRO G 42 -17.76 -9.05 -31.53
CA PRO G 42 -18.94 -9.22 -32.38
C PRO G 42 -19.91 -10.31 -31.91
N ALA G 43 -19.39 -11.47 -31.51
CA ALA G 43 -20.24 -12.57 -31.03
C ALA G 43 -20.96 -12.23 -29.71
N ILE G 44 -20.28 -11.48 -28.84
CA ILE G 44 -20.88 -11.00 -27.61
C ILE G 44 -22.07 -10.08 -27.91
N ARG G 45 -21.84 -9.10 -28.80
CA ARG G 45 -22.91 -8.17 -29.18
CA ARG G 45 -22.91 -8.17 -29.19
C ARG G 45 -24.08 -8.89 -29.83
N LYS G 46 -23.77 -9.84 -30.71
CA LYS G 46 -24.76 -10.66 -31.42
C LYS G 46 -25.63 -11.50 -30.47
N GLY G 47 -24.99 -12.09 -29.46
CA GLY G 47 -25.67 -12.97 -28.52
C GLY G 47 -26.43 -12.28 -27.40
N TRP G 48 -26.25 -10.96 -27.27
CA TRP G 48 -26.90 -10.20 -26.20
C TRP G 48 -28.40 -9.99 -26.41
N PHE G 49 -29.20 -10.46 -25.47
CA PHE G 49 -30.66 -10.47 -25.59
C PHE G 49 -31.33 -9.10 -25.53
N GLY G 50 -30.62 -8.09 -25.04
CA GLY G 50 -31.23 -6.81 -24.71
C GLY G 50 -30.83 -5.74 -25.69
N THR G 51 -30.55 -4.55 -25.17
CA THR G 51 -30.12 -3.45 -26.02
C THR G 51 -28.60 -3.21 -25.91
N GLN G 52 -28.04 -2.56 -26.94
CA GLN G 52 -26.59 -2.46 -27.09
C GLN G 52 -25.92 -1.37 -26.24
N LYS G 53 -26.73 -0.42 -25.78
CA LYS G 53 -26.23 0.78 -25.09
C LYS G 53 -25.62 0.45 -23.73
N GLY G 54 -24.30 0.63 -23.62
CA GLY G 54 -23.60 0.45 -22.36
C GLY G 54 -23.11 -0.95 -22.07
N LEU G 55 -23.19 -1.83 -23.07
CA LEU G 55 -22.75 -3.22 -22.94
C LEU G 55 -21.30 -3.36 -22.51
N HIS G 56 -21.07 -4.15 -21.45
CA HIS G 56 -19.74 -4.29 -20.85
C HIS G 56 -19.46 -5.70 -20.35
N LEU G 57 -18.19 -6.03 -20.29
CA LEU G 57 -17.69 -7.22 -19.65
C LEU G 57 -17.69 -7.02 -18.14
N ASP G 58 -18.05 -8.07 -17.40
CA ASP G 58 -17.90 -8.05 -15.96
C ASP G 58 -16.81 -9.02 -15.52
N SER G 59 -16.76 -10.18 -16.18
CA SER G 59 -15.68 -11.15 -16.01
C SER G 59 -15.65 -12.16 -17.15
N PHE G 60 -14.52 -12.87 -17.27
CA PHE G 60 -14.37 -13.97 -18.22
C PHE G 60 -13.35 -15.02 -17.75
N VAL G 61 -13.46 -16.23 -18.31
CA VAL G 61 -12.43 -17.24 -18.13
C VAL G 61 -12.21 -18.00 -19.43
N HIS G 62 -10.94 -18.16 -19.81
CA HIS G 62 -10.57 -19.05 -20.89
C HIS G 62 -10.68 -20.47 -20.35
N LEU G 63 -11.65 -21.22 -20.87
CA LEU G 63 -11.87 -22.61 -20.48
C LEU G 63 -11.08 -23.55 -21.37
N HIS G 64 -10.17 -24.30 -20.75
CA HIS G 64 -9.41 -25.31 -21.47
C HIS G 64 -9.55 -26.72 -20.87
N HIS G 65 -10.05 -26.80 -19.65
CA HIS G 65 -10.18 -28.07 -18.95
C HIS G 65 -11.39 -28.09 -18.04
N VAL G 66 -12.14 -29.19 -18.09
CA VAL G 66 -13.28 -29.42 -17.20
C VAL G 66 -13.28 -30.89 -16.83
N ASP G 67 -13.25 -31.18 -15.52
CA ASP G 67 -13.33 -32.54 -14.95
C ASP G 67 -12.37 -33.56 -15.56
N GLY G 68 -11.14 -33.12 -15.84
CA GLY G 68 -10.10 -33.98 -16.37
C GLY G 68 -10.09 -34.09 -17.88
N TYR G 69 -10.95 -33.31 -18.54
CA TYR G 69 -11.06 -33.32 -20.00
C TYR G 69 -10.49 -32.06 -20.62
N ARG G 70 -9.58 -32.22 -21.57
CA ARG G 70 -9.08 -31.10 -22.35
C ARG G 70 -10.12 -30.72 -23.40
N ILE G 71 -10.36 -29.42 -23.51
CA ILE G 71 -11.26 -28.88 -24.52
C ILE G 71 -10.49 -28.64 -25.81
N HIS G 72 -11.00 -29.23 -26.90
CA HIS G 72 -10.44 -29.05 -28.24
C HIS G 72 -11.47 -28.33 -29.11
N LEU G 73 -10.99 -27.45 -29.99
CA LEU G 73 -11.86 -26.74 -30.92
C LEU G 73 -11.46 -27.00 -32.36
N THR G 74 -12.39 -27.51 -33.16
CA THR G 74 -12.14 -27.80 -34.58
C THR G 74 -13.26 -27.25 -35.46
N SER G 75 -12.95 -27.04 -36.75
CA SER G 75 -13.92 -26.51 -37.72
C SER G 75 -14.92 -27.55 -38.22
N GLU G 76 -14.51 -28.82 -38.26
CA GLU G 76 -15.35 -29.90 -38.79
C GLU G 76 -15.60 -31.01 -37.78
N ALA G 77 -16.81 -31.55 -37.79
CA ALA G 77 -17.21 -32.60 -36.86
C ALA G 77 -16.90 -33.99 -37.42
N GLU G 82 -20.22 -37.33 -30.40
CA GLU G 82 -19.40 -38.31 -29.70
C GLU G 82 -19.95 -38.70 -28.32
N GLU G 83 -19.10 -39.27 -27.48
CA GLU G 83 -19.52 -39.94 -26.25
C GLU G 83 -19.93 -39.00 -25.10
N LYS G 84 -19.08 -38.01 -24.80
CA LYS G 84 -19.36 -37.05 -23.73
C LYS G 84 -19.21 -35.60 -24.21
N ARG G 85 -20.04 -34.71 -23.66
CA ARG G 85 -20.05 -33.30 -24.05
C ARG G 85 -19.99 -32.35 -22.85
N LEU G 86 -19.64 -31.08 -23.11
CA LEU G 86 -19.70 -30.03 -22.09
C LEU G 86 -21.11 -29.57 -21.86
N TYR G 87 -21.48 -29.43 -20.59
CA TYR G 87 -22.78 -28.94 -20.22
C TYR G 87 -22.62 -27.80 -19.24
N PHE G 88 -23.19 -26.66 -19.61
CA PHE G 88 -23.33 -25.52 -18.72
C PHE G 88 -24.63 -25.70 -17.94
N VAL G 89 -24.54 -25.60 -16.62
CA VAL G 89 -25.72 -25.70 -15.75
C VAL G 89 -25.81 -24.49 -14.84
N ASN G 90 -26.91 -23.75 -14.96
CA ASN G 90 -27.19 -22.61 -14.06
CA ASN G 90 -27.19 -22.61 -14.07
C ASN G 90 -28.24 -22.97 -13.01
N PHE G 91 -28.00 -22.57 -11.77
CA PHE G 91 -28.90 -22.87 -10.66
C PHE G 91 -29.94 -21.77 -10.44
N GLY G 92 -31.21 -22.15 -10.54
CA GLY G 92 -32.33 -21.22 -10.34
C GLY G 92 -33.65 -21.95 -10.14
N GLU G 101 -16.04 -14.98 -9.01
CA GLU G 101 -16.39 -15.88 -7.92
C GLU G 101 -17.02 -17.18 -8.44
N TYR G 102 -18.05 -17.03 -9.28
CA TYR G 102 -18.74 -18.12 -10.01
C TYR G 102 -19.36 -19.22 -9.13
N HIS G 103 -20.33 -18.83 -8.32
CA HIS G 103 -20.96 -19.72 -7.34
C HIS G 103 -22.26 -20.31 -7.89
N ASP G 104 -23.03 -19.48 -8.60
CA ASP G 104 -24.39 -19.83 -9.02
C ASP G 104 -24.51 -20.72 -10.26
N PHE G 105 -23.38 -21.16 -10.80
CA PHE G 105 -23.35 -22.05 -11.97
C PHE G 105 -22.12 -22.94 -11.98
N THR G 106 -22.14 -23.92 -12.88
CA THR G 106 -20.99 -24.79 -13.11
C THR G 106 -20.95 -25.34 -14.54
N VAL G 107 -19.80 -25.87 -14.93
CA VAL G 107 -19.64 -26.57 -16.20
C VAL G 107 -19.17 -27.98 -15.88
N VAL G 108 -19.87 -28.98 -16.42
CA VAL G 108 -19.53 -30.39 -16.19
C VAL G 108 -19.44 -31.16 -17.51
N VAL G 109 -18.82 -32.34 -17.45
CA VAL G 109 -18.75 -33.24 -18.59
C VAL G 109 -19.64 -34.46 -18.33
N ALA G 110 -20.58 -34.71 -19.24
CA ALA G 110 -21.54 -35.81 -19.11
C ALA G 110 -21.98 -36.35 -20.47
N ASP G 111 -22.67 -37.49 -20.46
CA ASP G 111 -23.17 -38.12 -21.69
C ASP G 111 -24.60 -37.69 -22.05
N SER G 112 -25.32 -37.16 -21.07
CA SER G 112 -26.71 -36.75 -21.24
C SER G 112 -27.00 -35.51 -20.40
N PRO G 113 -28.01 -34.70 -20.81
CA PRO G 113 -28.51 -33.58 -19.98
C PRO G 113 -28.98 -34.02 -18.60
N GLN G 114 -29.55 -35.22 -18.51
CA GLN G 114 -30.06 -35.78 -17.26
C GLN G 114 -28.92 -35.99 -16.26
N SER G 115 -27.86 -36.65 -16.72
CA SER G 115 -26.69 -36.95 -15.88
C SER G 115 -25.84 -35.71 -15.56
N ALA G 116 -25.93 -34.71 -16.44
CA ALA G 116 -25.26 -33.43 -16.25
C ALA G 116 -25.85 -32.67 -15.07
N LYS G 117 -27.19 -32.68 -14.97
CA LYS G 117 -27.92 -32.03 -13.89
C LYS G 117 -27.62 -32.68 -12.54
N GLN G 118 -27.52 -34.01 -12.55
CA GLN G 118 -27.20 -34.77 -11.33
C GLN G 118 -25.77 -34.58 -10.87
N LEU G 119 -24.84 -34.49 -11.82
CA LEU G 119 -23.43 -34.24 -11.51
C LEU G 119 -23.19 -32.85 -10.95
N ALA G 120 -24.00 -31.89 -11.41
CA ALA G 120 -23.94 -30.51 -10.96
C ALA G 120 -24.40 -30.35 -9.50
N ARG G 121 -25.45 -31.08 -9.13
CA ARG G 121 -26.01 -31.04 -7.78
C ARG G 121 -25.04 -31.55 -6.71
N ALA G 122 -24.28 -32.59 -7.09
CA ALA G 122 -23.31 -33.22 -6.17
C ALA G 122 -22.08 -32.36 -5.88
N GLN G 123 -21.87 -31.30 -6.67
CA GLN G 123 -20.70 -30.45 -6.54
C GLN G 123 -20.77 -29.41 -5.40
N PHE G 124 -21.97 -29.18 -4.87
CA PHE G 124 -22.16 -28.25 -3.76
C PHE G 124 -21.62 -28.83 -2.44
N SER G 125 -22.16 -29.98 -2.04
CA SER G 125 -21.73 -30.66 -0.83
C SER G 125 -21.75 -32.18 -1.01
N VAL G 143 -35.59 -28.06 -9.62
CA VAL G 143 -35.66 -27.98 -11.08
C VAL G 143 -34.73 -26.87 -11.61
N ASP G 144 -33.74 -27.28 -12.39
CA ASP G 144 -32.77 -26.36 -12.99
C ASP G 144 -32.82 -26.42 -14.52
N ASP G 145 -32.03 -25.55 -15.17
CA ASP G 145 -31.92 -25.53 -16.63
C ASP G 145 -30.46 -25.68 -17.08
N CYS G 146 -30.25 -26.49 -18.11
CA CYS G 146 -28.89 -26.75 -18.60
C CYS G 146 -28.72 -26.53 -20.11
N LEU G 147 -27.48 -26.22 -20.51
CA LEU G 147 -27.15 -25.96 -21.90
C LEU G 147 -25.97 -26.83 -22.36
N CYS G 148 -26.12 -27.44 -23.52
CA CYS G 148 -25.05 -28.24 -24.10
C CYS G 148 -24.10 -27.35 -24.89
N VAL G 149 -22.83 -27.31 -24.47
CA VAL G 149 -21.83 -26.49 -25.12
C VAL G 149 -21.03 -27.36 -26.10
N ASP G 150 -21.52 -27.48 -27.32
CA ASP G 150 -20.91 -28.35 -28.32
C ASP G 150 -20.55 -27.65 -29.62
N LEU G 151 -21.28 -26.58 -29.93
CA LEU G 151 -21.06 -25.79 -31.14
C LEU G 151 -21.11 -24.32 -30.76
N VAL G 152 -19.95 -23.66 -30.80
CA VAL G 152 -19.84 -22.26 -30.40
C VAL G 152 -19.11 -21.46 -31.48
N ASP G 153 -19.82 -20.47 -32.04
CA ASP G 153 -19.31 -19.60 -33.12
C ASP G 153 -18.66 -20.38 -34.26
N ASN G 154 -19.41 -21.30 -34.85
CA ASN G 154 -18.94 -22.19 -35.93
C ASN G 154 -17.73 -23.08 -35.60
N HIS G 155 -17.54 -23.39 -34.32
CA HIS G 155 -16.50 -24.30 -33.87
C HIS G 155 -17.09 -25.40 -33.01
N TYR G 156 -16.71 -26.64 -33.31
CA TYR G 156 -17.17 -27.80 -32.57
C TYR G 156 -16.27 -28.04 -31.37
N VAL G 157 -16.88 -28.40 -30.24
CA VAL G 157 -16.15 -28.69 -29.03
C VAL G 157 -16.04 -30.20 -28.85
N THR G 158 -14.81 -30.71 -28.94
CA THR G 158 -14.55 -32.13 -28.64
C THR G 158 -13.69 -32.24 -27.38
N LEU G 159 -13.77 -33.40 -26.72
CA LEU G 159 -13.15 -33.60 -25.42
C LEU G 159 -12.15 -34.75 -25.42
N GLU G 160 -11.08 -34.56 -24.66
CA GLU G 160 -10.03 -35.57 -24.51
C GLU G 160 -9.65 -35.69 -23.05
N PHE G 161 -9.72 -36.90 -22.51
CA PHE G 161 -9.33 -37.13 -21.12
C PHE G 161 -7.82 -37.07 -20.95
N ASP G 162 -7.35 -36.07 -20.19
CA ASP G 162 -5.93 -35.99 -19.82
C ASP G 162 -5.65 -35.89 -18.31
N GLY G 163 -6.70 -35.71 -17.52
CA GLY G 163 -6.57 -35.68 -16.05
C GLY G 163 -6.30 -34.33 -15.42
N GLU G 164 -6.03 -33.33 -16.25
CA GLU G 164 -5.71 -31.97 -15.79
C GLU G 164 -6.95 -31.24 -15.28
N GLN G 165 -6.83 -30.59 -14.14
CA GLN G 165 -7.94 -29.83 -13.56
C GLN G 165 -7.83 -28.34 -13.84
N GLN G 166 -8.97 -27.66 -13.89
CA GLN G 166 -9.00 -26.21 -13.98
C GLN G 166 -10.08 -25.66 -13.04
N PRO G 167 -9.69 -24.77 -12.12
CA PRO G 167 -10.69 -24.15 -11.25
C PRO G 167 -11.55 -23.14 -12.02
N LEU G 168 -12.86 -23.25 -11.85
CA LEU G 168 -13.81 -22.39 -12.54
C LEU G 168 -13.89 -21.03 -11.84
N VAL G 169 -12.84 -20.22 -12.00
CA VAL G 169 -12.74 -18.88 -11.42
C VAL G 169 -12.35 -17.88 -12.53
N PRO G 170 -12.75 -16.59 -12.39
CA PRO G 170 -12.38 -15.60 -13.42
C PRO G 170 -10.88 -15.46 -13.65
N ASP G 171 -10.50 -15.30 -14.91
CA ASP G 171 -9.15 -14.85 -15.29
C ASP G 171 -9.00 -13.37 -14.92
N TRP G 172 -10.12 -12.66 -15.01
CA TRP G 172 -10.19 -11.23 -14.83
C TRP G 172 -11.61 -10.91 -14.40
N LYS G 173 -11.76 -9.93 -13.52
CA LYS G 173 -13.06 -9.34 -13.21
C LYS G 173 -12.93 -7.83 -13.10
N GLY G 174 -14.01 -7.12 -13.43
CA GLY G 174 -14.01 -5.67 -13.39
C GLY G 174 -15.15 -5.11 -14.22
N TYR G 175 -14.85 -4.05 -14.96
CA TYR G 175 -15.83 -3.34 -15.77
C TYR G 175 -15.14 -2.86 -17.03
N GLN G 176 -15.45 -3.51 -18.14
CA GLN G 176 -14.83 -3.17 -19.42
C GLN G 176 -15.92 -3.02 -20.48
N PRO G 177 -16.23 -1.75 -20.86
CA PRO G 177 -17.21 -1.48 -21.90
C PRO G 177 -16.72 -1.97 -23.24
N LEU G 178 -17.64 -2.44 -24.07
CA LEU G 178 -17.29 -2.83 -25.43
C LEU G 178 -17.26 -1.58 -26.31
N PRO G 179 -16.32 -1.54 -27.28
CA PRO G 179 -16.30 -0.47 -28.28
C PRO G 179 -17.54 -0.55 -29.18
N GLU G 180 -17.92 0.56 -29.77
CA GLU G 180 -19.17 0.63 -30.53
C GLU G 180 -18.98 0.33 -32.03
N GLY G 181 -17.74 0.39 -32.50
CA GLY G 181 -17.42 0.09 -33.90
C GLY G 181 -17.46 -1.40 -34.20
N ASP H 7 22.32 -26.46 -27.08
CA ASP H 7 22.46 -25.29 -26.15
C ASP H 7 23.39 -25.61 -24.98
N ASN H 8 24.61 -25.09 -25.07
CA ASN H 8 25.61 -25.25 -24.03
C ASN H 8 25.26 -24.54 -22.73
N LYS H 9 25.54 -25.21 -21.61
CA LYS H 9 25.24 -24.68 -20.28
C LYS H 9 26.52 -24.66 -19.45
N LEU H 10 26.65 -23.65 -18.59
CA LEU H 10 27.75 -23.61 -17.62
C LEU H 10 27.32 -24.28 -16.33
N PHE H 11 28.10 -25.27 -15.89
CA PHE H 11 27.86 -25.93 -14.63
C PHE H 11 28.99 -25.67 -13.65
N LEU H 12 28.63 -25.31 -12.43
CA LEU H 12 29.56 -25.34 -11.32
C LEU H 12 29.31 -26.67 -10.62
N VAL H 13 30.35 -27.49 -10.49
CA VAL H 13 30.21 -28.87 -10.03
C VAL H 13 31.09 -29.14 -8.81
N TYR H 14 30.51 -29.76 -7.79
CA TYR H 14 31.24 -30.13 -6.59
C TYR H 14 31.53 -31.62 -6.69
N VAL H 15 32.80 -31.96 -6.80
CA VAL H 15 33.22 -33.34 -7.05
C VAL H 15 34.03 -33.87 -5.90
N GLY H 16 33.95 -35.17 -5.69
CA GLY H 16 34.62 -35.80 -4.57
C GLY H 16 35.38 -37.04 -4.98
N GLY H 17 36.43 -37.33 -4.25
CA GLY H 17 37.23 -38.52 -4.51
C GLY H 17 38.46 -38.59 -3.65
N THR H 18 39.38 -39.44 -4.05
CA THR H 18 40.59 -39.68 -3.26
C THR H 18 41.83 -39.15 -3.97
N ALA H 19 42.92 -39.03 -3.22
CA ALA H 19 44.24 -38.74 -3.78
C ALA H 19 45.26 -39.57 -2.98
N PRO H 20 46.40 -39.97 -3.62
CA PRO H 20 47.36 -40.81 -2.90
C PRO H 20 47.91 -40.16 -1.65
N GLY H 21 47.87 -40.90 -0.54
CA GLY H 21 48.41 -40.45 0.74
C GLY H 21 47.40 -39.70 1.61
N ALA H 22 46.19 -39.52 1.11
CA ALA H 22 45.14 -38.86 1.88
C ALA H 22 44.35 -39.89 2.66
N ASN H 23 43.98 -39.54 3.88
CA ASN H 23 43.20 -40.42 4.73
C ASN H 23 41.69 -40.33 4.46
N ILE H 24 41.20 -39.14 4.16
CA ILE H 24 39.77 -38.97 3.88
C ILE H 24 39.53 -38.56 2.44
N GLU H 25 38.26 -38.56 2.04
CA GLU H 25 37.83 -38.14 0.72
C GLU H 25 38.10 -36.64 0.58
N LEU H 26 38.49 -36.22 -0.61
CA LEU H 26 38.76 -34.82 -0.90
C LEU H 26 37.69 -34.23 -1.81
N HIS H 27 37.57 -32.91 -1.84
CA HIS H 27 36.54 -32.25 -2.63
C HIS H 27 37.04 -31.01 -3.34
N ASP H 28 36.62 -30.85 -4.59
CA ASP H 28 36.97 -29.67 -5.36
C ASP H 28 35.74 -29.15 -6.10
N ILE H 29 35.81 -27.87 -6.48
CA ILE H 29 34.81 -27.23 -7.32
C ILE H 29 35.38 -27.09 -8.72
N ARG H 30 34.65 -27.58 -9.71
CA ARG H 30 35.06 -27.44 -11.10
C ARG H 30 34.02 -26.65 -11.88
N PHE H 31 34.48 -25.93 -12.90
CA PHE H 31 33.57 -25.29 -13.84
C PHE H 31 33.67 -26.03 -15.15
N VAL H 32 32.51 -26.43 -15.68
CA VAL H 32 32.42 -27.24 -16.91
C VAL H 32 31.29 -26.74 -17.80
N VAL H 33 31.46 -26.92 -19.11
CA VAL H 33 30.49 -26.50 -20.12
C VAL H 33 30.03 -27.70 -20.95
N GLY H 34 28.72 -27.82 -21.11
CA GLY H 34 28.14 -28.88 -21.94
C GLY H 34 26.64 -28.69 -22.09
N PRO H 35 26.03 -29.44 -23.03
CA PRO H 35 24.59 -29.40 -23.23
C PRO H 35 23.81 -30.14 -22.13
N SER H 36 24.50 -31.03 -21.41
CA SER H 36 23.92 -31.80 -20.33
C SER H 36 25.02 -32.18 -19.34
N GLU H 38 25.91 -35.17 -18.08
CA GLU H 38 26.66 -36.37 -18.46
C GLU H 38 27.72 -36.09 -19.51
N GLU H 39 27.46 -35.11 -20.37
CA GLU H 39 28.41 -34.69 -21.40
C GLU H 39 29.57 -33.83 -20.87
N THR H 40 29.54 -33.52 -19.57
CA THR H 40 30.64 -32.80 -18.92
C THR H 40 31.58 -33.74 -18.16
N TYR H 41 31.20 -35.02 -18.07
CA TYR H 41 32.00 -36.03 -17.37
C TYR H 41 33.47 -36.14 -17.80
N PRO H 42 33.78 -36.13 -19.13
CA PRO H 42 35.20 -36.07 -19.50
C PRO H 42 35.95 -34.86 -18.95
N ALA H 43 35.32 -33.69 -18.99
CA ALA H 43 35.97 -32.46 -18.52
C ALA H 43 36.13 -32.45 -17.00
N ILE H 44 35.19 -33.10 -16.31
CA ILE H 44 35.28 -33.32 -14.88
C ILE H 44 36.51 -34.17 -14.53
N ARG H 45 36.70 -35.27 -15.26
CA ARG H 45 37.85 -36.16 -15.03
C ARG H 45 39.17 -35.46 -15.33
N LYS H 46 39.19 -34.69 -16.41
CA LYS H 46 40.40 -33.98 -16.85
C LYS H 46 40.87 -32.92 -15.85
N GLY H 47 39.93 -32.27 -15.17
CA GLY H 47 40.28 -31.22 -14.22
C GLY H 47 40.44 -31.72 -12.78
N TRP H 48 40.09 -32.98 -12.53
CA TRP H 48 40.22 -33.56 -11.20
C TRP H 48 41.68 -33.84 -10.86
N PHE H 49 42.14 -33.25 -9.77
CA PHE H 49 43.55 -33.27 -9.38
C PHE H 49 44.05 -34.61 -8.83
N GLY H 50 43.13 -35.51 -8.46
CA GLY H 50 43.50 -36.70 -7.72
C GLY H 50 43.38 -38.01 -8.47
N THR H 51 42.96 -39.04 -7.75
CA THR H 51 42.83 -40.39 -8.27
C THR H 51 41.49 -40.53 -8.97
N GLN H 52 41.53 -41.13 -10.16
CA GLN H 52 40.35 -41.27 -11.01
C GLN H 52 39.33 -42.31 -10.52
N LYS H 53 39.81 -43.40 -9.93
CA LYS H 53 38.94 -44.46 -9.44
C LYS H 53 38.06 -43.97 -8.30
N GLY H 54 36.75 -44.12 -8.46
CA GLY H 54 35.79 -43.74 -7.42
C GLY H 54 35.35 -42.28 -7.42
N LEU H 55 35.81 -41.52 -8.42
CA LEU H 55 35.41 -40.12 -8.61
C LEU H 55 33.89 -39.97 -8.68
N HIS H 56 33.34 -39.13 -7.81
CA HIS H 56 31.89 -38.94 -7.73
C HIS H 56 31.46 -37.48 -7.68
N LEU H 57 30.22 -37.26 -8.12
CA LEU H 57 29.56 -35.96 -8.10
C LEU H 57 28.82 -35.82 -6.78
N ASP H 58 28.97 -34.68 -6.12
CA ASP H 58 28.31 -34.45 -4.83
C ASP H 58 27.21 -33.39 -4.86
N SER H 59 27.36 -32.42 -5.77
CA SER H 59 26.33 -31.42 -6.07
C SER H 59 26.75 -30.62 -7.28
N PHE H 60 25.79 -29.91 -7.88
CA PHE H 60 26.05 -29.04 -9.01
C PHE H 60 24.95 -27.99 -9.16
N VAL H 61 25.25 -26.96 -9.95
CA VAL H 61 24.26 -25.95 -10.34
C VAL H 61 24.56 -25.41 -11.73
N HIS H 62 23.54 -25.41 -12.58
CA HIS H 62 23.60 -24.69 -13.84
C HIS H 62 23.58 -23.20 -13.52
N LEU H 63 24.69 -22.52 -13.82
CA LEU H 63 24.82 -21.07 -13.62
C LEU H 63 24.43 -20.35 -14.89
N HIS H 64 23.35 -19.57 -14.83
CA HIS H 64 22.91 -18.78 -15.97
C HIS H 64 22.88 -17.28 -15.69
N HIS H 65 22.86 -16.92 -14.41
CA HIS H 65 22.87 -15.52 -14.00
C HIS H 65 23.72 -15.30 -12.76
N VAL H 66 24.53 -14.24 -12.76
CA VAL H 66 25.27 -13.79 -11.58
C VAL H 66 25.19 -12.26 -11.51
N ASP H 67 24.72 -11.74 -10.36
CA ASP H 67 24.68 -10.29 -10.06
C ASP H 67 24.01 -9.41 -11.13
N GLY H 68 22.90 -9.89 -11.70
CA GLY H 68 22.17 -9.16 -12.72
C GLY H 68 22.61 -9.40 -14.15
N TYR H 69 23.63 -10.26 -14.32
CA TYR H 69 24.24 -10.50 -15.64
C TYR H 69 23.93 -11.90 -16.17
N ARG H 70 23.41 -11.99 -17.39
CA ARG H 70 23.21 -13.27 -18.04
C ARG H 70 24.54 -13.79 -18.58
N ILE H 71 24.82 -15.07 -18.34
CA ILE H 71 26.01 -15.73 -18.88
C ILE H 71 25.75 -16.25 -20.30
N HIS H 72 26.63 -15.87 -21.24
CA HIS H 72 26.60 -16.40 -22.61
C HIS H 72 27.85 -17.23 -22.88
N LEU H 73 27.71 -18.22 -23.74
CA LEU H 73 28.82 -19.11 -24.10
C LEU H 73 29.00 -19.17 -25.62
N THR H 74 30.19 -18.83 -26.09
CA THR H 74 30.51 -18.84 -27.52
C THR H 74 31.90 -19.44 -27.80
N SER H 75 32.13 -19.84 -29.04
CA SER H 75 33.40 -20.46 -29.45
C SER H 75 34.53 -19.45 -29.64
N GLU H 76 34.20 -18.25 -30.11
CA GLU H 76 35.20 -17.23 -30.43
C GLU H 76 35.16 -16.04 -29.46
N ALA H 77 36.30 -15.37 -29.32
CA ALA H 77 36.42 -14.22 -28.42
C ALA H 77 36.09 -12.91 -29.14
N PRO H 81 37.56 -8.44 -25.93
CA PRO H 81 37.78 -7.32 -25.02
C PRO H 81 36.52 -6.97 -24.24
N GLU H 82 36.49 -7.33 -22.96
CA GLU H 82 35.31 -7.13 -22.13
C GLU H 82 35.65 -6.45 -20.80
N GLU H 83 34.74 -5.59 -20.34
CA GLU H 83 34.94 -4.74 -19.16
C GLU H 83 34.84 -5.51 -17.84
N LYS H 84 33.76 -6.27 -17.67
CA LYS H 84 33.52 -7.04 -16.44
C LYS H 84 33.54 -8.54 -16.70
N ARG H 85 34.05 -9.31 -15.74
CA ARG H 85 34.18 -10.76 -15.87
C ARG H 85 33.67 -11.53 -14.66
N LEU H 86 33.49 -12.83 -14.85
CA LEU H 86 33.01 -13.73 -13.80
C LEU H 86 34.16 -14.18 -12.92
N TYR H 87 34.00 -14.01 -11.61
CA TYR H 87 35.02 -14.40 -10.66
C TYR H 87 34.48 -15.36 -9.61
N PHE H 88 35.20 -16.47 -9.44
CA PHE H 88 34.90 -17.41 -8.39
C PHE H 88 35.83 -17.07 -7.23
N VAL H 89 35.27 -16.89 -6.04
CA VAL H 89 36.07 -16.57 -4.85
C VAL H 89 35.85 -17.61 -3.75
N ASN H 90 36.95 -18.28 -3.38
CA ASN H 90 36.92 -19.22 -2.25
C ASN H 90 37.49 -18.57 -1.00
N PHE H 91 36.76 -18.74 0.10
CA PHE H 91 37.15 -18.13 1.39
C PHE H 91 38.16 -18.99 2.16
N GLY H 92 38.91 -18.34 3.06
CA GLY H 92 39.91 -19.00 3.87
C GLY H 92 39.58 -19.02 5.35
N GLU H 101 24.97 -26.54 0.37
CA GLU H 101 24.49 -25.24 0.81
C GLU H 101 25.18 -24.09 0.08
N TYR H 102 26.47 -24.27 -0.21
CA TYR H 102 27.35 -23.29 -0.87
C TYR H 102 27.55 -22.02 -0.03
N HIS H 103 28.23 -22.19 1.09
CA HIS H 103 28.44 -21.11 2.04
C HIS H 103 29.90 -20.66 2.07
N ASP H 104 30.81 -21.58 1.76
CA ASP H 104 32.25 -21.35 1.83
C ASP H 104 32.85 -20.65 0.60
N PHE H 105 32.00 -20.28 -0.36
CA PHE H 105 32.42 -19.59 -1.58
C PHE H 105 31.32 -18.72 -2.18
N THR H 106 31.68 -17.97 -3.22
CA THR H 106 30.71 -17.23 -4.02
C THR H 106 31.19 -17.00 -5.46
N VAL H 107 30.26 -16.61 -6.32
CA VAL H 107 30.61 -16.14 -7.67
C VAL H 107 30.09 -14.72 -7.82
N VAL H 108 30.94 -13.83 -8.33
CA VAL H 108 30.61 -12.41 -8.52
C VAL H 108 31.03 -11.86 -9.89
N VAL H 109 30.45 -10.73 -10.26
CA VAL H 109 30.82 -10.00 -11.48
C VAL H 109 31.63 -8.76 -11.09
N ALA H 110 32.83 -8.64 -11.65
CA ALA H 110 33.72 -7.51 -11.37
C ALA H 110 34.69 -7.24 -12.54
N ASP H 111 35.34 -6.08 -12.50
CA ASP H 111 36.30 -5.67 -13.54
C ASP H 111 37.71 -6.21 -13.31
N SER H 112 38.10 -6.39 -12.05
CA SER H 112 39.45 -6.84 -11.69
C SER H 112 39.40 -7.87 -10.54
N PRO H 113 40.44 -8.72 -10.41
CA PRO H 113 40.55 -9.65 -9.27
C PRO H 113 40.49 -9.01 -7.88
N GLN H 114 41.02 -7.79 -7.75
CA GLN H 114 41.04 -7.07 -6.48
C GLN H 114 39.65 -6.62 -6.06
N SER H 115 38.92 -6.02 -7.01
CA SER H 115 37.55 -5.57 -6.78
C SER H 115 36.58 -6.75 -6.62
N ALA H 116 36.96 -7.88 -7.21
CA ALA H 116 36.22 -9.14 -7.06
C ALA H 116 36.30 -9.66 -5.63
N LYS H 117 37.49 -9.59 -5.04
CA LYS H 117 37.71 -9.99 -3.66
C LYS H 117 36.94 -9.12 -2.68
N GLN H 118 36.91 -7.81 -2.96
CA GLN H 118 36.21 -6.84 -2.12
C GLN H 118 34.69 -7.04 -2.16
N LEU H 119 34.16 -7.31 -3.36
CA LEU H 119 32.73 -7.55 -3.55
C LEU H 119 32.28 -8.86 -2.89
N ALA H 120 33.15 -9.86 -2.93
CA ALA H 120 32.92 -11.14 -2.28
C ALA H 120 32.89 -11.03 -0.76
N ARG H 121 33.77 -10.19 -0.21
CA ARG H 121 33.85 -9.96 1.24
C ARG H 121 32.60 -9.29 1.79
N ALA H 122 32.02 -8.38 1.00
CA ALA H 122 30.85 -7.60 1.41
C ALA H 122 29.56 -8.41 1.48
N GLN H 123 29.57 -9.61 0.91
CA GLN H 123 28.38 -10.46 0.81
C GLN H 123 28.08 -11.32 2.05
N PHE H 124 28.98 -11.32 3.03
CA PHE H 124 28.77 -12.08 4.27
C PHE H 124 27.72 -11.41 5.17
N SER H 125 28.00 -10.17 5.59
CA SER H 125 27.10 -9.44 6.48
C SER H 125 26.82 -8.04 5.95
N VAL H 143 43.32 -12.95 3.83
CA VAL H 143 43.92 -13.29 2.53
C VAL H 143 43.21 -14.51 1.93
N ASP H 144 42.49 -14.28 0.83
CA ASP H 144 41.74 -15.32 0.13
C ASP H 144 42.39 -15.66 -1.21
N ASP H 145 41.72 -16.52 -1.98
CA ASP H 145 42.13 -16.81 -3.36
C ASP H 145 40.93 -16.76 -4.30
N CYS H 146 41.16 -16.26 -5.50
CA CYS H 146 40.09 -16.13 -6.49
C CYS H 146 40.50 -16.62 -7.89
N LEU H 147 39.49 -17.01 -8.67
CA LEU H 147 39.69 -17.52 -10.02
C LEU H 147 38.78 -16.80 -11.02
N CYS H 148 39.34 -16.43 -12.17
CA CYS H 148 38.58 -15.82 -13.24
C CYS H 148 37.96 -16.87 -14.17
N VAL H 149 36.64 -16.85 -14.27
CA VAL H 149 35.91 -17.81 -15.10
C VAL H 149 35.59 -17.16 -16.44
N ASP H 150 36.51 -17.29 -17.39
CA ASP H 150 36.33 -16.68 -18.71
C ASP H 150 36.49 -17.65 -19.87
N LEU H 151 37.32 -18.68 -19.67
CA LEU H 151 37.51 -19.74 -20.64
C LEU H 151 37.28 -21.06 -19.94
N VAL H 152 36.27 -21.80 -20.41
CA VAL H 152 35.89 -23.09 -19.81
C VAL H 152 35.60 -24.08 -20.93
N ASP H 153 36.40 -25.16 -20.97
CA ASP H 153 36.30 -26.21 -21.99
C ASP H 153 36.13 -25.68 -23.42
N ASN H 154 37.04 -24.80 -23.82
CA ASN H 154 37.04 -24.14 -25.14
C ASN H 154 35.81 -23.28 -25.45
N HIS H 155 35.17 -22.77 -24.41
CA HIS H 155 34.05 -21.85 -24.57
C HIS H 155 34.32 -20.56 -23.80
N TYR H 156 34.08 -19.43 -24.45
CA TYR H 156 34.30 -18.13 -23.84
C TYR H 156 33.05 -17.68 -23.10
N VAL H 157 33.26 -17.12 -21.91
CA VAL H 157 32.17 -16.62 -21.08
C VAL H 157 32.05 -15.11 -21.26
N THR H 158 30.91 -14.68 -21.81
CA THR H 158 30.60 -13.26 -21.92
C THR H 158 29.32 -12.93 -21.13
N LEU H 159 29.22 -11.71 -20.66
CA LEU H 159 28.14 -11.29 -19.77
C LEU H 159 27.28 -10.17 -20.34
N GLU H 160 25.97 -10.29 -20.15
CA GLU H 160 24.99 -9.29 -20.57
C GLU H 160 24.14 -8.86 -19.38
N PHE H 161 24.13 -7.58 -19.07
CA PHE H 161 23.30 -7.10 -17.97
C PHE H 161 21.83 -7.17 -18.36
N ASP H 162 21.04 -7.90 -17.56
CA ASP H 162 19.59 -7.99 -17.77
C ASP H 162 18.76 -7.86 -16.49
N GLY H 163 19.44 -7.83 -15.35
CA GLY H 163 18.75 -7.60 -14.07
C GLY H 163 18.29 -8.84 -13.30
N GLU H 164 18.27 -10.00 -13.96
CA GLU H 164 17.84 -11.25 -13.34
C GLU H 164 18.81 -11.76 -12.29
N GLN H 165 18.26 -12.28 -11.20
CA GLN H 165 19.07 -12.89 -10.15
C GLN H 165 18.94 -14.42 -10.16
N GLN H 166 19.97 -15.08 -9.63
CA GLN H 166 19.95 -16.51 -9.45
C GLN H 166 20.65 -16.86 -8.14
N PRO H 167 19.90 -17.44 -7.19
CA PRO H 167 20.52 -17.87 -5.93
C PRO H 167 21.58 -18.95 -6.16
N LEU H 168 22.71 -18.81 -5.50
CA LEU H 168 23.80 -19.78 -5.62
C LEU H 168 23.53 -20.99 -4.73
N VAL H 169 22.59 -21.84 -5.14
CA VAL H 169 22.23 -23.07 -4.42
C VAL H 169 22.24 -24.28 -5.38
N PRO H 170 22.50 -25.50 -4.86
CA PRO H 170 22.49 -26.68 -5.75
C PRO H 170 21.16 -26.91 -6.46
N ASP H 171 21.24 -27.32 -7.73
CA ASP H 171 20.12 -27.90 -8.45
C ASP H 171 19.84 -29.30 -7.89
N TRP H 172 20.92 -29.99 -7.52
CA TRP H 172 20.87 -31.34 -7.01
C TRP H 172 22.02 -31.50 -6.03
N LYS H 173 21.81 -32.28 -4.96
CA LYS H 173 22.93 -32.75 -4.15
C LYS H 173 22.74 -34.22 -3.79
N GLY H 174 23.85 -34.92 -3.58
CA GLY H 174 23.81 -36.33 -3.19
C GLY H 174 25.12 -37.04 -3.46
N TYR H 175 25.01 -38.18 -4.13
CA TYR H 175 26.16 -39.03 -4.41
C TYR H 175 25.96 -39.69 -5.76
N GLN H 176 26.80 -39.34 -6.73
CA GLN H 176 26.68 -39.86 -8.07
C GLN H 176 28.03 -40.21 -8.66
N PRO H 177 28.41 -41.49 -8.60
CA PRO H 177 29.65 -41.99 -9.20
C PRO H 177 29.74 -41.74 -10.70
N LEU H 178 30.90 -41.28 -11.15
CA LEU H 178 31.16 -41.15 -12.58
C LEU H 178 31.35 -42.56 -13.16
N PRO H 179 30.77 -42.81 -14.35
CA PRO H 179 30.98 -44.06 -15.07
C PRO H 179 32.43 -44.23 -15.51
N GLU H 180 32.87 -45.48 -15.59
CA GLU H 180 34.25 -45.82 -15.96
C GLU H 180 34.48 -45.67 -17.47
N GLY H 181 33.66 -46.37 -18.26
CA GLY H 181 33.74 -46.33 -19.72
C GLY H 181 33.77 -47.71 -20.33
#